data_3RGX
#
_entry.id   3RGX
#
_cell.length_a   173.391
_cell.length_b   66.705
_cell.length_c   119.051
_cell.angle_alpha   90.00
_cell.angle_beta   120.98
_cell.angle_gamma   90.00
#
_symmetry.space_group_name_H-M   'C 1 2 1'
#
loop_
_entity.id
_entity.type
_entity.pdbx_description
1 polymer 'Protein BRASSINOSTEROID INSENSITIVE 1'
2 branched 2-acetamido-2-deoxy-beta-D-glucopyranose-(1-4)-2-acetamido-2-deoxy-beta-D-glucopyranose-(1-4)-2-acetamido-2-deoxy-beta-D-glucopyranose
3 branched 2-acetamido-2-deoxy-beta-D-glucopyranose-(1-4)-2-acetamido-2-deoxy-beta-D-glucopyranose
4 branched 2-acetamido-2-deoxy-beta-D-glucopyranose-(1-4)-2-acetamido-2-deoxy-beta-D-glucopyranose-(1-4)-2-acetamido-2-deoxy-beta-D-glucopyranose-(1-4)-2-acetamido-2-deoxy-beta-D-glucopyranose
5 non-polymer 2-acetamido-2-deoxy-beta-D-glucopyranose
6 water water
#
_entity_poly.entity_id   1
_entity_poly.type   'polypeptide(L)'
_entity_poly.pdbx_seq_one_letter_code
;SFQASPSQSLYREIHQLISFKDVLPDKNLLPDWSSNKNPCTFDGVTCRDDKVTSIDLSSKPLNVGFSAVSSSLLSLTGLE
SLFLSNSHINGSVSGFKCSASLTSLDLSRNSLSGPVTTLTSLGSCSGLKFLNVSSNTLDFPGKVSGGLKLNSLEVLDLSA
NSISGANVVGWVLSDGCGELKHLAISGNKISGDVDVSRCVNLEFLDVSSNNFSTGIPFLGDCSALQHLDISGNKLSGDFS
RAISTCTELKLLNISSNQFVGPIPPLPLKSLQYLSLAENKFTGEIPDFLSGACDTLTGLDLSGNHFYGAVPPFFGSCSLL
ESLALSSNNFSGELPMDTLLKMRGLKVLDLSFNEFSGELPESLTNLSASLLTLDLSSNNFSGPILPNLCQNPKNTLQELY
LQNNGFTGKIPPTLSNCSELVSLHLSFNYLSGTIPSSLGSLSKLRDLKLWLNMLEGEIPQELMYVKTLETLILDFNDLTG
EIPSGLSNCTNLNWISLSNNRLTGEIPKWIGRLENLAILKLSNNSFSGNIPAELGDCRSLIWLDLNTNLFNGTIPAAMFK
QSGKIAANFIAGKRYVYIKNDGMKKECHGAGNLLEFQGIRSEQLNRLSTRNPCNITSRVYGGHTSPTFDNNGSMMFLDMS
YNMLSGYIPKEIGSMPYLFILNLGHNDISGSIPDEVGDLRGLNILDLSSNKLDGRIPQAMSALTMLTEIDLSNNNLSGPI
PEMGQFETFPPAKFLNNPGLCGYPLPRCDPSNADGYAHHQRSHHHHHH
;
_entity_poly.pdbx_strand_id   A
#
loop_
_chem_comp.id
_chem_comp.type
_chem_comp.name
_chem_comp.formula
NAG D-saccharide, beta linking 2-acetamido-2-deoxy-beta-D-glucopyranose 'C8 H15 N O6'
#
# COMPACT_ATOMS: atom_id res chain seq x y z
N SER A 9 44.52 1.55 -29.23
CA SER A 9 43.32 0.82 -28.86
C SER A 9 43.04 0.95 -27.36
N LEU A 10 43.93 0.39 -26.54
CA LEU A 10 43.90 0.68 -25.11
C LEU A 10 43.88 2.20 -24.94
N TYR A 11 44.78 2.86 -25.67
CA TYR A 11 44.82 4.31 -25.77
C TYR A 11 43.40 4.91 -25.93
N ARG A 12 42.71 4.45 -26.97
CA ARG A 12 41.35 4.88 -27.29
C ARG A 12 40.30 4.53 -26.22
N GLU A 13 40.33 3.29 -25.73
CA GLU A 13 39.47 2.83 -24.63
C GLU A 13 39.55 3.77 -23.43
N ILE A 14 40.78 3.97 -22.94
CA ILE A 14 41.00 4.74 -21.74
C ILE A 14 40.70 6.24 -21.93
N HIS A 15 41.00 6.77 -23.11
CA HIS A 15 40.62 8.15 -23.40
C HIS A 15 39.09 8.36 -23.49
N GLN A 16 38.37 7.41 -24.07
CA GLN A 16 36.92 7.49 -24.07
C GLN A 16 36.32 7.43 -22.66
N LEU A 17 36.77 6.46 -21.87
CA LEU A 17 36.23 6.29 -20.52
C LEU A 17 36.54 7.49 -19.62
N ILE A 18 37.78 7.98 -19.68
CA ILE A 18 38.13 9.12 -18.86
C ILE A 18 37.41 10.38 -19.33
N SER A 19 37.24 10.54 -20.63
CA SER A 19 36.49 11.70 -21.12
C SER A 19 35.06 11.64 -20.56
N PHE A 20 34.48 10.45 -20.53
CA PHE A 20 33.17 10.30 -19.91
C PHE A 20 33.20 10.72 -18.45
N LYS A 21 34.17 10.19 -17.71
CA LYS A 21 34.28 10.54 -16.29
C LYS A 21 34.42 12.05 -16.05
N ASP A 22 35.14 12.75 -16.91
CA ASP A 22 35.40 14.16 -16.69
C ASP A 22 34.16 15.03 -16.91
N VAL A 23 33.21 14.54 -17.70
CA VAL A 23 31.97 15.26 -17.97
C VAL A 23 30.97 15.16 -16.82
N LEU A 24 31.26 14.29 -15.85
CA LEU A 24 30.38 14.08 -14.71
C LEU A 24 30.40 15.24 -13.70
N PRO A 25 29.23 15.70 -13.28
CA PRO A 25 29.08 16.74 -12.25
C PRO A 25 29.64 16.30 -10.88
N ASP A 26 29.31 15.09 -10.44
CA ASP A 26 29.77 14.61 -9.15
C ASP A 26 31.19 14.05 -9.27
N LYS A 27 32.09 14.57 -8.46
CA LYS A 27 33.51 14.26 -8.60
C LYS A 27 33.94 13.10 -7.71
N ASN A 28 32.96 12.38 -7.20
CA ASN A 28 33.20 11.28 -6.28
C ASN A 28 32.82 9.93 -6.89
N LEU A 29 32.30 9.95 -8.12
CA LEU A 29 31.52 8.83 -8.67
C LEU A 29 32.28 7.64 -9.23
N LEU A 30 33.36 7.94 -9.95
CA LEU A 30 34.18 6.90 -10.54
C LEU A 30 35.57 7.12 -10.02
N PRO A 31 35.72 7.12 -8.68
CA PRO A 31 36.98 7.53 -8.06
C PRO A 31 38.16 6.73 -8.59
N ASP A 32 37.93 5.50 -9.03
CA ASP A 32 39.05 4.65 -9.44
C ASP A 32 39.27 4.62 -10.95
N TRP A 33 38.37 5.25 -11.71
CA TRP A 33 38.64 5.47 -13.13
C TRP A 33 39.76 6.48 -13.19
N SER A 34 40.86 6.12 -13.85
CA SER A 34 42.01 7.00 -13.87
C SER A 34 42.79 6.77 -15.16
N SER A 35 43.30 7.83 -15.76
CA SER A 35 44.13 7.70 -16.94
C SER A 35 45.46 7.02 -16.62
N ASN A 36 46.11 6.49 -17.64
CA ASN A 36 47.34 5.73 -17.45
C ASN A 36 47.15 4.58 -16.45
N LYS A 37 46.02 3.89 -16.61
CA LYS A 37 45.63 2.81 -15.73
C LYS A 37 44.72 1.93 -16.59
N ASN A 38 44.78 0.63 -16.39
CA ASN A 38 44.00 -0.31 -17.20
C ASN A 38 42.53 -0.36 -16.76
N PRO A 39 41.61 -0.04 -17.69
CA PRO A 39 40.15 -0.03 -17.48
C PRO A 39 39.62 -1.37 -16.97
N CYS A 40 40.30 -2.45 -17.31
CA CYS A 40 39.92 -3.77 -16.81
C CYS A 40 39.98 -3.88 -15.29
N THR A 41 40.63 -2.90 -14.65
CA THR A 41 40.71 -2.87 -13.21
C THR A 41 39.69 -1.92 -12.61
N PHE A 42 38.87 -1.29 -13.46
CA PHE A 42 37.92 -0.27 -12.97
C PHE A 42 36.66 -0.90 -12.42
N ASP A 43 36.01 -0.19 -11.51
CA ASP A 43 34.72 -0.63 -10.99
C ASP A 43 33.65 -0.23 -12.01
N GLY A 44 32.77 -1.17 -12.33
CA GLY A 44 31.74 -0.97 -13.35
C GLY A 44 32.11 -1.63 -14.65
N VAL A 45 33.38 -1.98 -14.80
CA VAL A 45 33.87 -2.58 -16.03
C VAL A 45 33.95 -4.11 -15.96
N THR A 46 33.58 -4.76 -17.05
CA THR A 46 33.77 -6.19 -17.22
C THR A 46 34.73 -6.34 -18.37
N CYS A 47 35.73 -7.20 -18.20
CA CYS A 47 36.72 -7.44 -19.23
C CYS A 47 36.83 -8.91 -19.53
N ARG A 48 37.21 -9.20 -20.77
CA ARG A 48 37.55 -10.55 -21.16
C ARG A 48 38.85 -10.46 -21.94
N ASP A 49 39.85 -11.21 -21.49
CA ASP A 49 41.14 -11.21 -22.15
C ASP A 49 41.72 -9.79 -22.28
N ASP A 50 41.46 -8.98 -21.26
CA ASP A 50 42.08 -7.66 -21.18
C ASP A 50 41.43 -6.68 -22.16
N LYS A 51 40.19 -6.97 -22.55
CA LYS A 51 39.41 -6.06 -23.39
C LYS A 51 38.05 -5.80 -22.74
N VAL A 52 37.60 -4.55 -22.78
CA VAL A 52 36.35 -4.15 -22.14
C VAL A 52 35.16 -4.67 -22.92
N THR A 53 34.25 -5.38 -22.24
CA THR A 53 33.13 -6.00 -22.93
C THR A 53 31.80 -5.50 -22.40
N SER A 54 31.81 -4.94 -21.21
CA SER A 54 30.58 -4.48 -20.62
C SER A 54 30.86 -3.37 -19.63
N ILE A 55 29.90 -2.46 -19.53
CA ILE A 55 29.98 -1.40 -18.54
C ILE A 55 28.66 -1.33 -17.84
N ASP A 56 28.69 -1.33 -16.52
CA ASP A 56 27.51 -1.21 -15.70
C ASP A 56 27.66 -0.08 -14.70
N LEU A 57 26.99 1.04 -14.95
CA LEU A 57 27.03 2.18 -14.05
C LEU A 57 25.64 2.47 -13.45
N SER A 58 24.85 1.42 -13.32
CA SER A 58 23.48 1.49 -12.80
C SER A 58 23.41 2.00 -11.37
N SER A 59 22.33 2.70 -11.04
CA SER A 59 22.14 3.20 -9.68
C SER A 59 23.25 4.13 -9.23
N LYS A 60 23.90 4.81 -10.17
CA LYS A 60 24.84 5.87 -9.84
C LYS A 60 24.36 7.15 -10.49
N PRO A 61 24.25 8.23 -9.71
CA PRO A 61 23.66 9.49 -10.17
C PRO A 61 24.60 10.29 -11.09
N LEU A 62 24.83 9.78 -12.29
CA LEU A 62 25.74 10.40 -13.25
C LEU A 62 25.34 11.84 -13.63
N ASN A 63 24.04 12.09 -13.68
CA ASN A 63 23.49 13.39 -14.07
C ASN A 63 24.10 13.98 -15.33
N VAL A 64 24.10 13.21 -16.42
CA VAL A 64 24.53 13.72 -17.71
C VAL A 64 23.50 13.36 -18.78
N GLY A 65 23.66 13.95 -19.96
CA GLY A 65 22.73 13.71 -21.05
C GLY A 65 23.14 12.48 -21.82
N PHE A 66 22.22 11.98 -22.63
CA PHE A 66 22.48 10.82 -23.46
C PHE A 66 23.63 11.07 -24.43
N SER A 67 23.84 12.33 -24.80
CA SER A 67 24.88 12.66 -25.77
C SER A 67 26.26 12.32 -25.22
N ALA A 68 26.43 12.50 -23.92
CA ALA A 68 27.69 12.13 -23.28
C ALA A 68 27.87 10.62 -23.37
N VAL A 69 26.80 9.88 -23.13
CA VAL A 69 26.82 8.42 -23.17
C VAL A 69 27.17 7.89 -24.56
N SER A 70 26.48 8.42 -25.57
CA SER A 70 26.65 7.96 -26.93
C SER A 70 28.00 8.39 -27.48
N SER A 71 28.49 9.53 -27.01
CA SER A 71 29.81 10.01 -27.42
C SER A 71 30.91 9.12 -26.86
N SER A 72 30.87 8.91 -25.54
CA SER A 72 31.94 8.23 -24.84
C SER A 72 31.80 6.72 -24.84
N LEU A 73 30.70 6.22 -24.28
CA LEU A 73 30.56 4.80 -24.00
C LEU A 73 30.11 3.96 -25.19
N LEU A 74 29.05 4.36 -25.84
CA LEU A 74 28.47 3.56 -26.92
C LEU A 74 29.34 3.44 -28.17
N SER A 75 30.41 4.20 -28.25
CA SER A 75 31.31 4.15 -29.40
C SER A 75 32.53 3.28 -29.16
N LEU A 76 32.73 2.88 -27.91
CA LEU A 76 33.78 1.94 -27.53
C LEU A 76 33.72 0.69 -28.39
N THR A 77 34.77 0.48 -29.17
CA THR A 77 34.87 -0.72 -29.98
C THR A 77 34.91 -1.95 -29.07
N GLY A 78 34.14 -2.98 -29.42
CA GLY A 78 34.19 -4.22 -28.69
C GLY A 78 33.23 -4.29 -27.51
N LEU A 79 32.69 -3.15 -27.09
CA LEU A 79 31.68 -3.11 -26.03
C LEU A 79 30.45 -3.94 -26.41
N GLU A 80 30.04 -4.84 -25.53
CA GLU A 80 28.96 -5.79 -25.83
C GLU A 80 27.64 -5.45 -25.14
N SER A 81 27.73 -4.87 -23.95
CA SER A 81 26.54 -4.48 -23.21
C SER A 81 26.79 -3.22 -22.39
N LEU A 82 25.75 -2.39 -22.26
CA LEU A 82 25.86 -1.19 -21.45
C LEU A 82 24.65 -1.08 -20.54
N PHE A 83 24.89 -1.16 -19.23
CA PHE A 83 23.82 -1.04 -18.25
C PHE A 83 23.85 0.30 -17.54
N LEU A 84 22.83 1.11 -17.80
CA LEU A 84 22.74 2.44 -17.25
C LEU A 84 21.34 2.67 -16.67
N SER A 85 20.86 1.68 -15.95
CA SER A 85 19.57 1.76 -15.30
C SER A 85 19.65 2.63 -14.05
N ASN A 86 18.74 3.59 -13.93
CA ASN A 86 18.67 4.43 -12.75
C ASN A 86 19.98 5.20 -12.55
N SER A 87 20.44 5.85 -13.62
CA SER A 87 21.73 6.54 -13.63
C SER A 87 21.60 8.04 -13.86
N HIS A 88 20.38 8.54 -13.72
CA HIS A 88 20.07 9.94 -13.97
C HIS A 88 20.62 10.41 -15.30
N ILE A 89 20.32 9.65 -16.35
CA ILE A 89 20.55 10.11 -17.71
C ILE A 89 19.32 10.91 -18.15
N ASN A 90 19.54 12.05 -18.77
CA ASN A 90 18.45 12.83 -19.34
C ASN A 90 18.71 13.14 -20.81
N GLY A 91 17.95 14.06 -21.39
CA GLY A 91 18.06 14.36 -22.80
C GLY A 91 17.30 13.36 -23.66
N SER A 92 17.67 13.29 -24.94
CA SER A 92 17.00 12.43 -25.90
C SER A 92 18.04 11.62 -26.65
N VAL A 93 17.66 10.44 -27.14
CA VAL A 93 18.56 9.72 -28.05
C VAL A 93 18.56 10.34 -29.45
N SER A 94 19.69 10.24 -30.13
CA SER A 94 19.80 10.69 -31.51
C SER A 94 20.97 9.98 -32.19
N GLY A 95 21.25 10.36 -33.43
CA GLY A 95 22.27 9.69 -34.22
C GLY A 95 23.65 9.70 -33.60
N PHE A 96 24.35 8.58 -33.72
CA PHE A 96 25.74 8.49 -33.27
C PHE A 96 26.40 7.29 -33.92
N LYS A 97 27.73 7.26 -33.94
CA LYS A 97 28.43 6.07 -34.38
C LYS A 97 28.33 5.05 -33.26
N CYS A 98 27.96 3.81 -33.61
CA CYS A 98 27.71 2.76 -32.61
C CYS A 98 28.39 1.45 -32.98
N SER A 99 29.04 0.81 -32.01
CA SER A 99 29.73 -0.46 -32.21
C SER A 99 28.82 -1.60 -32.67
N ALA A 100 29.30 -2.38 -33.64
CA ALA A 100 28.60 -3.56 -34.11
C ALA A 100 28.56 -4.69 -33.07
N SER A 101 29.33 -4.55 -32.00
CA SER A 101 29.44 -5.61 -31.03
C SER A 101 28.41 -5.47 -29.93
N LEU A 102 27.81 -4.29 -29.83
CA LEU A 102 26.84 -3.99 -28.78
C LEU A 102 25.51 -4.72 -29.00
N THR A 103 25.18 -5.63 -28.09
CA THR A 103 23.96 -6.42 -28.22
C THR A 103 22.86 -6.02 -27.22
N SER A 104 23.23 -5.51 -26.04
CA SER A 104 22.25 -5.08 -25.03
C SER A 104 22.51 -3.66 -24.54
N LEU A 105 21.44 -2.87 -24.50
CA LEU A 105 21.45 -1.53 -23.96
C LEU A 105 20.32 -1.35 -22.94
N ASP A 106 20.66 -1.10 -21.69
CA ASP A 106 19.65 -0.88 -20.67
C ASP A 106 19.68 0.59 -20.20
N LEU A 107 18.67 1.36 -20.61
CA LEU A 107 18.53 2.76 -20.22
C LEU A 107 17.29 2.99 -19.37
N SER A 108 16.81 1.94 -18.71
CA SER A 108 15.58 2.04 -17.92
C SER A 108 15.73 2.96 -16.72
N ARG A 109 14.60 3.46 -16.23
CA ARG A 109 14.53 4.30 -15.03
C ARG A 109 15.43 5.53 -15.12
N ASN A 110 15.32 6.25 -16.22
CA ASN A 110 16.07 7.48 -16.41
C ASN A 110 15.10 8.60 -16.72
N SER A 111 15.61 9.69 -17.29
CA SER A 111 14.74 10.80 -17.69
C SER A 111 14.87 11.07 -19.17
N LEU A 112 14.98 10.00 -19.96
CA LEU A 112 14.97 10.19 -21.39
C LEU A 112 13.61 10.78 -21.77
N SER A 113 13.64 11.75 -22.67
CA SER A 113 12.43 12.45 -23.07
C SER A 113 12.40 12.65 -24.59
N GLY A 114 11.29 13.17 -25.09
CA GLY A 114 11.12 13.31 -26.52
C GLY A 114 10.22 12.23 -27.11
N PRO A 115 9.97 12.33 -28.42
CA PRO A 115 9.13 11.36 -29.14
C PRO A 115 9.83 10.02 -29.24
N VAL A 116 9.06 8.94 -29.16
CA VAL A 116 9.62 7.61 -29.18
C VAL A 116 10.34 7.33 -30.49
N THR A 117 10.02 8.12 -31.52
CA THR A 117 10.71 8.07 -32.81
C THR A 117 12.23 8.24 -32.70
N THR A 118 12.70 8.88 -31.63
CA THR A 118 14.13 9.07 -31.42
C THR A 118 14.81 7.70 -31.38
N LEU A 119 14.11 6.70 -30.86
CA LEU A 119 14.70 5.40 -30.69
C LEU A 119 15.10 4.79 -32.05
N THR A 120 14.48 5.29 -33.11
CA THR A 120 14.85 4.78 -34.43
C THR A 120 16.33 4.98 -34.71
N SER A 121 16.93 5.99 -34.09
CA SER A 121 18.36 6.24 -34.21
C SER A 121 19.24 5.06 -33.73
N LEU A 122 18.77 4.34 -32.72
CA LEU A 122 19.51 3.17 -32.25
C LEU A 122 19.64 2.11 -33.35
N GLY A 123 18.98 2.35 -34.48
CA GLY A 123 19.17 1.47 -35.62
C GLY A 123 20.61 1.46 -36.10
N SER A 124 21.40 2.42 -35.65
CA SER A 124 22.81 2.47 -36.06
C SER A 124 23.64 1.39 -35.36
N CYS A 125 23.04 0.72 -34.39
CA CYS A 125 23.68 -0.38 -33.67
C CYS A 125 23.31 -1.73 -34.28
N SER A 126 23.97 -2.08 -35.37
CA SER A 126 23.64 -3.28 -36.14
C SER A 126 23.60 -4.58 -35.34
N GLY A 127 24.22 -4.60 -34.17
CA GLY A 127 24.26 -5.81 -33.37
C GLY A 127 23.23 -5.84 -32.25
N LEU A 128 22.51 -4.74 -32.09
CA LEU A 128 21.59 -4.57 -30.96
C LEU A 128 20.42 -5.54 -30.97
N LYS A 129 20.29 -6.31 -29.89
CA LYS A 129 19.27 -7.34 -29.80
C LYS A 129 18.40 -7.22 -28.55
N PHE A 130 18.85 -6.45 -27.57
CA PHE A 130 18.11 -6.26 -26.31
CA PHE A 130 18.11 -6.27 -26.33
C PHE A 130 18.05 -4.78 -25.98
N LEU A 131 16.85 -4.25 -25.84
CA LEU A 131 16.70 -2.82 -25.55
C LEU A 131 15.62 -2.53 -24.50
N ASN A 132 16.06 -1.95 -23.40
CA ASN A 132 15.18 -1.60 -22.29
C ASN A 132 15.23 -0.10 -22.12
N VAL A 133 14.14 0.58 -22.45
CA VAL A 133 14.05 2.02 -22.22
C VAL A 133 12.84 2.33 -21.36
N SER A 134 12.46 1.35 -20.55
CA SER A 134 11.31 1.47 -19.68
C SER A 134 11.55 2.49 -18.60
N SER A 135 10.46 3.02 -18.03
CA SER A 135 10.53 4.07 -17.01
C SER A 135 11.33 5.28 -17.44
N ASN A 136 10.97 5.82 -18.59
CA ASN A 136 11.42 7.15 -18.98
C ASN A 136 10.21 8.02 -19.26
N THR A 137 10.39 9.08 -20.04
CA THR A 137 9.26 9.96 -20.39
C THR A 137 9.07 10.09 -21.88
N LEU A 138 9.45 9.07 -22.64
CA LEU A 138 9.20 9.07 -24.07
C LEU A 138 7.70 9.15 -24.37
N ASP A 139 7.34 9.92 -25.38
CA ASP A 139 5.93 9.98 -25.78
C ASP A 139 5.71 9.74 -27.26
N PHE A 140 4.46 9.87 -27.70
CA PHE A 140 4.13 9.78 -29.11
C PHE A 140 3.18 10.91 -29.50
N PRO A 141 3.75 11.97 -30.11
CA PRO A 141 3.01 13.18 -30.45
C PRO A 141 2.21 13.02 -31.75
N GLY A 142 0.90 13.13 -31.63
CA GLY A 142 0.03 13.13 -32.80
C GLY A 142 0.12 11.95 -33.75
N LYS A 143 0.37 12.27 -35.02
CA LYS A 143 0.26 11.29 -36.11
C LYS A 143 1.18 10.08 -35.95
N VAL A 144 0.58 8.93 -35.64
CA VAL A 144 1.29 7.66 -35.52
C VAL A 144 1.53 7.01 -36.88
N SER A 145 2.64 7.37 -37.52
CA SER A 145 2.96 6.83 -38.84
C SER A 145 4.44 6.43 -38.92
N GLY A 146 4.80 5.75 -40.01
CA GLY A 146 6.16 5.28 -40.17
C GLY A 146 6.37 4.01 -39.37
N GLY A 147 7.59 3.79 -38.90
CA GLY A 147 7.90 2.61 -38.11
C GLY A 147 9.03 2.85 -37.14
N LEU A 148 9.15 1.99 -36.13
CA LEU A 148 10.26 2.09 -35.19
C LEU A 148 11.53 1.67 -35.91
N LYS A 149 11.41 0.65 -36.75
CA LYS A 149 12.50 0.20 -37.61
C LYS A 149 13.70 -0.41 -36.88
N LEU A 150 13.42 -1.13 -35.80
CA LEU A 150 14.44 -1.86 -35.06
C LEU A 150 14.11 -3.35 -35.08
N ASN A 151 13.92 -3.90 -36.27
CA ASN A 151 13.42 -5.26 -36.40
C ASN A 151 14.45 -6.37 -36.14
N SER A 152 15.63 -6.00 -35.62
CA SER A 152 16.58 -7.03 -35.24
C SER A 152 16.45 -7.38 -33.78
N LEU A 153 15.66 -6.60 -33.04
CA LEU A 153 15.50 -6.80 -31.60
C LEU A 153 14.91 -8.17 -31.25
N GLU A 154 15.43 -8.77 -30.18
CA GLU A 154 14.83 -9.96 -29.61
C GLU A 154 14.00 -9.55 -28.40
N VAL A 155 14.40 -8.45 -27.75
CA VAL A 155 13.75 -7.98 -26.53
C VAL A 155 13.57 -6.47 -26.56
N LEU A 156 12.35 -6.02 -26.33
CA LEU A 156 12.08 -4.59 -26.31
C LEU A 156 11.14 -4.24 -25.17
N ASP A 157 11.58 -3.35 -24.29
CA ASP A 157 10.77 -2.92 -23.18
C ASP A 157 10.60 -1.40 -23.24
N LEU A 158 9.37 -0.97 -23.54
CA LEU A 158 9.00 0.44 -23.60
C LEU A 158 8.03 0.78 -22.48
N SER A 159 8.00 -0.05 -21.45
CA SER A 159 7.02 0.10 -20.40
C SER A 159 7.18 1.42 -19.65
N ALA A 160 6.13 1.80 -18.93
CA ALA A 160 6.15 2.94 -18.02
C ALA A 160 6.76 4.17 -18.63
N ASN A 161 6.30 4.53 -19.82
CA ASN A 161 6.69 5.78 -20.41
C ASN A 161 5.51 6.74 -20.43
N SER A 162 5.55 7.74 -21.31
CA SER A 162 4.42 8.65 -21.47
C SER A 162 3.85 8.50 -22.86
N ILE A 163 3.86 7.27 -23.37
CA ILE A 163 3.34 7.03 -24.70
C ILE A 163 1.83 6.96 -24.67
N SER A 164 1.20 7.91 -25.36
CA SER A 164 -0.25 8.03 -25.43
C SER A 164 -0.64 7.94 -26.89
N GLY A 165 -1.54 7.04 -27.24
CA GLY A 165 -1.99 7.00 -28.63
C GLY A 165 -2.51 5.69 -29.16
N ALA A 166 -3.01 5.74 -30.39
CA ALA A 166 -3.66 4.60 -31.01
C ALA A 166 -2.73 3.87 -31.96
N ASN A 167 -2.70 2.55 -31.86
CA ASN A 167 -1.95 1.71 -32.80
C ASN A 167 -0.44 1.90 -32.77
N VAL A 168 0.08 2.24 -31.60
CA VAL A 168 1.52 2.40 -31.39
C VAL A 168 2.24 1.06 -31.54
N VAL A 169 1.56 -0.03 -31.23
CA VAL A 169 2.15 -1.35 -31.43
C VAL A 169 2.41 -1.61 -32.92
N GLY A 170 1.43 -1.29 -33.76
CA GLY A 170 1.60 -1.40 -35.19
C GLY A 170 2.82 -0.61 -35.63
N TRP A 171 3.05 0.52 -34.96
CA TRP A 171 4.21 1.35 -35.25
C TRP A 171 5.51 0.69 -34.84
N VAL A 172 5.50 0.06 -33.67
CA VAL A 172 6.68 -0.64 -33.19
C VAL A 172 7.04 -1.76 -34.15
N LEU A 173 6.03 -2.44 -34.67
CA LEU A 173 6.22 -3.66 -35.45
C LEU A 173 6.13 -3.51 -36.97
N SER A 174 5.87 -2.30 -37.45
CA SER A 174 5.56 -2.11 -38.87
C SER A 174 6.67 -2.62 -39.80
N ASP A 175 7.91 -2.52 -39.37
CA ASP A 175 9.03 -2.88 -40.23
C ASP A 175 9.52 -4.33 -40.02
N GLY A 176 8.69 -5.16 -39.41
CA GLY A 176 9.04 -6.55 -39.19
C GLY A 176 9.34 -6.90 -37.73
N CYS A 177 8.99 -8.13 -37.35
CA CYS A 177 9.12 -8.57 -35.98
C CYS A 177 9.37 -10.08 -35.92
N GLY A 178 10.02 -10.58 -36.96
CA GLY A 178 10.32 -12.00 -37.04
C GLY A 178 11.37 -12.45 -36.04
N GLU A 179 12.14 -11.51 -35.51
CA GLU A 179 13.18 -11.84 -34.53
C GLU A 179 12.72 -11.68 -33.07
N LEU A 180 11.65 -10.91 -32.88
CA LEU A 180 11.18 -10.53 -31.54
C LEU A 180 10.72 -11.68 -30.65
N LYS A 181 11.27 -11.78 -29.45
CA LYS A 181 10.86 -12.81 -28.51
C LYS A 181 10.09 -12.24 -27.31
N HIS A 182 10.28 -10.96 -27.03
CA HIS A 182 9.79 -10.39 -25.78
C HIS A 182 9.41 -8.95 -26.01
N LEU A 183 8.12 -8.65 -25.90
CA LEU A 183 7.60 -7.29 -26.07
C LEU A 183 6.82 -6.87 -24.85
N ALA A 184 7.26 -5.78 -24.22
CA ALA A 184 6.56 -5.19 -23.09
C ALA A 184 6.43 -3.70 -23.33
N ILE A 185 5.23 -3.18 -23.13
CA ILE A 185 4.94 -1.76 -23.27
C ILE A 185 3.90 -1.39 -22.24
N SER A 186 3.94 -2.06 -21.10
CA SER A 186 2.92 -1.87 -20.09
C SER A 186 3.04 -0.49 -19.49
N GLY A 187 1.98 0.00 -18.86
CA GLY A 187 2.05 1.25 -18.11
C GLY A 187 2.18 2.49 -18.98
N ASN A 188 1.51 2.46 -20.12
CA ASN A 188 1.38 3.62 -20.97
C ASN A 188 -0.10 3.94 -21.17
N LYS A 189 -0.40 4.75 -22.19
CA LYS A 189 -1.77 5.03 -22.55
C LYS A 189 -1.98 4.70 -24.03
N ILE A 190 -1.62 3.48 -24.38
CA ILE A 190 -1.77 3.01 -25.74
C ILE A 190 -3.12 2.32 -25.90
N SER A 191 -3.73 2.52 -27.07
CA SER A 191 -5.02 1.95 -27.39
C SER A 191 -5.00 1.40 -28.80
N GLY A 192 -6.12 0.87 -29.24
CA GLY A 192 -6.20 0.38 -30.60
C GLY A 192 -5.97 -1.10 -30.71
N ASP A 193 -5.29 -1.51 -31.78
CA ASP A 193 -5.09 -2.93 -31.98
C ASP A 193 -3.65 -3.39 -31.74
N VAL A 194 -3.54 -4.69 -31.47
CA VAL A 194 -2.29 -5.35 -31.23
C VAL A 194 -2.29 -6.55 -32.16
N ASP A 195 -1.43 -6.52 -33.17
CA ASP A 195 -1.33 -7.63 -34.12
C ASP A 195 0.08 -8.19 -34.09
N VAL A 196 0.24 -9.32 -33.41
CA VAL A 196 1.54 -9.97 -33.32
C VAL A 196 1.57 -11.29 -34.10
N SER A 197 0.64 -11.44 -35.05
CA SER A 197 0.51 -12.67 -35.81
C SER A 197 1.70 -12.97 -36.73
N ARG A 198 2.50 -11.95 -37.04
CA ARG A 198 3.70 -12.17 -37.84
C ARG A 198 4.94 -12.31 -36.96
N CYS A 199 4.76 -12.08 -35.66
CA CYS A 199 5.81 -12.29 -34.67
C CYS A 199 5.77 -13.74 -34.24
N VAL A 200 6.25 -14.58 -35.15
CA VAL A 200 6.16 -16.03 -35.04
C VAL A 200 7.05 -16.62 -33.94
N ASN A 201 7.99 -15.82 -33.43
CA ASN A 201 8.87 -16.27 -32.36
C ASN A 201 8.60 -15.61 -31.01
N LEU A 202 7.48 -14.90 -30.91
CA LEU A 202 7.16 -14.13 -29.70
C LEU A 202 6.79 -15.03 -28.53
N GLU A 203 7.50 -14.89 -27.42
CA GLU A 203 7.24 -15.75 -26.28
C GLU A 203 6.57 -14.98 -25.16
N PHE A 204 6.85 -13.67 -25.11
CA PHE A 204 6.41 -12.83 -24.02
C PHE A 204 5.73 -11.60 -24.60
N LEU A 205 4.48 -11.37 -24.20
CA LEU A 205 3.74 -10.16 -24.61
C LEU A 205 3.03 -9.51 -23.42
N ASP A 206 3.44 -8.30 -23.08
CA ASP A 206 2.85 -7.55 -21.98
C ASP A 206 2.36 -6.21 -22.49
N VAL A 207 1.05 -6.09 -22.65
CA VAL A 207 0.42 -4.84 -23.03
C VAL A 207 -0.48 -4.35 -21.90
N SER A 208 -0.14 -4.71 -20.67
CA SER A 208 -1.00 -4.40 -19.53
C SER A 208 -0.94 -2.94 -19.10
N SER A 209 -1.89 -2.54 -18.26
CA SER A 209 -2.05 -1.15 -17.83
C SER A 209 -1.92 -0.16 -18.98
N ASN A 210 -2.82 -0.25 -19.93
CA ASN A 210 -2.84 0.70 -21.01
C ASN A 210 -4.24 1.26 -21.21
N ASN A 211 -4.60 1.58 -22.44
CA ASN A 211 -5.91 2.12 -22.73
C ASN A 211 -6.61 1.30 -23.83
N PHE A 212 -6.43 -0.01 -23.82
CA PHE A 212 -7.11 -0.87 -24.79
C PHE A 212 -8.56 -1.12 -24.42
N SER A 213 -9.47 -0.87 -25.36
CA SER A 213 -10.89 -1.05 -25.09
C SER A 213 -11.63 -1.63 -26.28
N THR A 214 -10.89 -1.92 -27.34
CA THR A 214 -11.52 -2.47 -28.53
C THR A 214 -11.16 -3.93 -28.69
N GLY A 215 -10.41 -4.27 -29.73
CA GLY A 215 -10.11 -5.66 -30.02
C GLY A 215 -9.16 -6.33 -29.05
N ILE A 216 -9.26 -7.65 -28.96
CA ILE A 216 -8.25 -8.45 -28.28
C ILE A 216 -7.04 -8.54 -29.20
N PRO A 217 -5.84 -8.63 -28.63
CA PRO A 217 -4.66 -8.84 -29.47
C PRO A 217 -4.84 -10.02 -30.44
N PHE A 218 -4.50 -9.81 -31.70
CA PHE A 218 -4.55 -10.88 -32.68
C PHE A 218 -3.20 -11.60 -32.67
N LEU A 219 -3.22 -12.90 -32.36
CA LEU A 219 -1.99 -13.63 -32.10
C LEU A 219 -1.58 -14.56 -33.25
N GLY A 220 -2.49 -14.73 -34.21
CA GLY A 220 -2.24 -15.64 -35.31
C GLY A 220 -2.13 -17.08 -34.84
N ASP A 221 -1.04 -17.74 -35.20
CA ASP A 221 -0.81 -19.13 -34.83
C ASP A 221 -0.33 -19.26 -33.38
N CYS A 222 0.19 -18.16 -32.84
CA CYS A 222 0.58 -18.14 -31.44
C CYS A 222 1.55 -19.29 -31.17
N SER A 223 2.52 -19.47 -32.05
CA SER A 223 3.36 -20.67 -32.04
C SER A 223 4.42 -20.72 -30.95
N ALA A 224 4.82 -19.56 -30.44
CA ALA A 224 5.83 -19.56 -29.41
C ALA A 224 5.39 -18.87 -28.12
N LEU A 225 4.14 -18.43 -28.06
CA LEU A 225 3.70 -17.56 -26.95
C LEU A 225 3.57 -18.31 -25.62
N GLN A 226 4.29 -17.86 -24.61
CA GLN A 226 4.29 -18.51 -23.31
C GLN A 226 3.72 -17.62 -22.22
N HIS A 227 3.81 -16.31 -22.43
CA HIS A 227 3.42 -15.33 -21.42
C HIS A 227 2.53 -14.26 -22.08
N LEU A 228 1.29 -14.16 -21.63
CA LEU A 228 0.35 -13.17 -22.19
C LEU A 228 -0.32 -12.38 -21.09
N ASP A 229 -0.06 -11.08 -21.06
CA ASP A 229 -0.59 -10.21 -20.02
C ASP A 229 -1.28 -9.02 -20.67
N ILE A 230 -2.60 -8.99 -20.55
CA ILE A 230 -3.39 -7.90 -21.10
C ILE A 230 -4.19 -7.25 -19.98
N SER A 231 -3.76 -7.49 -18.75
CA SER A 231 -4.48 -7.01 -17.58
C SER A 231 -4.48 -5.49 -17.53
N GLY A 232 -5.38 -4.90 -16.73
CA GLY A 232 -5.36 -3.47 -16.50
C GLY A 232 -5.75 -2.60 -17.70
N ASN A 233 -6.70 -3.08 -18.48
CA ASN A 233 -7.25 -2.33 -19.60
C ASN A 233 -8.77 -2.29 -19.49
N LYS A 234 -9.46 -2.09 -20.60
CA LYS A 234 -10.94 -2.07 -20.57
C LYS A 234 -11.53 -3.05 -21.57
N LEU A 235 -10.91 -4.21 -21.70
CA LEU A 235 -11.29 -5.16 -22.74
C LEU A 235 -12.49 -6.01 -22.36
N SER A 236 -13.31 -6.35 -23.34
CA SER A 236 -14.53 -7.12 -23.09
C SER A 236 -14.83 -8.23 -24.08
N GLY A 237 -14.16 -8.23 -25.23
CA GLY A 237 -14.42 -9.20 -26.29
C GLY A 237 -13.94 -10.64 -26.07
N ASP A 238 -14.00 -11.43 -27.12
CA ASP A 238 -13.75 -12.87 -27.04
C ASP A 238 -12.25 -13.23 -26.97
N PHE A 239 -11.69 -13.20 -25.78
CA PHE A 239 -10.27 -13.51 -25.64
C PHE A 239 -10.07 -15.01 -25.83
N SER A 240 -11.09 -15.76 -25.46
CA SER A 240 -11.05 -17.22 -25.53
C SER A 240 -10.71 -17.67 -26.95
N ARG A 241 -11.47 -17.18 -27.92
CA ARG A 241 -11.18 -17.48 -29.31
C ARG A 241 -9.81 -16.95 -29.75
N ALA A 242 -9.41 -15.80 -29.19
CA ALA A 242 -8.10 -15.22 -29.50
C ALA A 242 -6.90 -16.11 -29.09
N ILE A 243 -6.98 -16.75 -27.94
CA ILE A 243 -5.86 -17.54 -27.43
C ILE A 243 -6.00 -19.04 -27.69
N SER A 244 -7.05 -19.45 -28.41
CA SER A 244 -7.29 -20.88 -28.57
C SER A 244 -6.22 -21.64 -29.38
N THR A 245 -5.38 -20.94 -30.12
CA THR A 245 -4.31 -21.64 -30.86
C THR A 245 -2.98 -21.66 -30.10
N CYS A 246 -2.99 -21.12 -28.89
CA CYS A 246 -1.78 -20.95 -28.09
C CYS A 246 -1.49 -22.17 -27.22
N THR A 247 -0.83 -23.16 -27.79
CA THR A 247 -0.61 -24.40 -27.06
C THR A 247 0.61 -24.35 -26.11
N GLU A 248 1.47 -23.35 -26.30
CA GLU A 248 2.63 -23.16 -25.44
C GLU A 248 2.38 -22.25 -24.22
N LEU A 249 1.14 -21.80 -24.03
CA LEU A 249 0.85 -20.77 -23.03
C LEU A 249 1.02 -21.18 -21.56
N LYS A 250 1.92 -20.49 -20.86
CA LYS A 250 2.20 -20.78 -19.46
C LYS A 250 1.57 -19.76 -18.48
N LEU A 251 1.57 -18.50 -18.88
CA LEU A 251 0.98 -17.45 -18.03
C LEU A 251 -0.10 -16.70 -18.81
N LEU A 252 -1.31 -16.62 -18.24
CA LEU A 252 -2.41 -15.84 -18.84
C LEU A 252 -2.96 -14.88 -17.80
N ASN A 253 -2.69 -13.60 -17.98
CA ASN A 253 -3.19 -12.61 -17.04
C ASN A 253 -4.12 -11.63 -17.75
N ILE A 254 -5.42 -11.78 -17.51
CA ILE A 254 -6.42 -10.93 -18.15
C ILE A 254 -7.20 -10.15 -17.08
N SER A 255 -6.60 -9.99 -15.91
CA SER A 255 -7.27 -9.36 -14.78
C SER A 255 -7.49 -7.85 -14.95
N SER A 256 -8.37 -7.29 -14.10
CA SER A 256 -8.72 -5.88 -14.17
C SER A 256 -9.11 -5.43 -15.58
N ASN A 257 -10.17 -6.01 -16.12
CA ASN A 257 -10.71 -5.59 -17.38
C ASN A 257 -12.23 -5.55 -17.25
N GLN A 258 -12.93 -5.76 -18.36
CA GLN A 258 -14.39 -5.78 -18.33
C GLN A 258 -14.96 -7.00 -19.04
N PHE A 259 -14.36 -8.15 -18.81
CA PHE A 259 -14.89 -9.39 -19.34
C PHE A 259 -16.10 -9.84 -18.51
N VAL A 260 -17.05 -10.50 -19.18
CA VAL A 260 -18.27 -10.97 -18.55
C VAL A 260 -18.55 -12.40 -18.97
N GLY A 261 -19.56 -13.00 -18.35
CA GLY A 261 -19.99 -14.33 -18.71
C GLY A 261 -19.18 -15.36 -17.95
N PRO A 262 -19.47 -16.64 -18.18
CA PRO A 262 -18.78 -17.75 -17.54
C PRO A 262 -17.37 -17.87 -18.06
N ILE A 263 -16.48 -18.45 -17.27
CA ILE A 263 -15.16 -18.82 -17.75
C ILE A 263 -15.29 -19.62 -19.04
N PRO A 264 -14.67 -19.15 -20.13
CA PRO A 264 -14.76 -19.85 -21.41
C PRO A 264 -13.63 -20.87 -21.58
N PRO A 265 -13.70 -21.68 -22.63
CA PRO A 265 -12.61 -22.63 -22.92
C PRO A 265 -11.25 -21.93 -22.93
N LEU A 266 -10.22 -22.65 -22.49
CA LEU A 266 -8.89 -22.09 -22.36
C LEU A 266 -7.85 -23.14 -22.72
N PRO A 267 -6.69 -22.72 -23.23
CA PRO A 267 -5.61 -23.65 -23.55
C PRO A 267 -4.87 -24.05 -22.27
N LEU A 268 -5.05 -25.30 -21.85
CA LEU A 268 -4.71 -25.71 -20.48
C LEU A 268 -3.48 -26.58 -20.33
N LYS A 269 -2.94 -27.08 -21.44
CA LYS A 269 -1.95 -28.14 -21.36
C LYS A 269 -0.55 -27.69 -20.95
N SER A 270 -0.28 -26.39 -20.98
CA SER A 270 1.01 -25.86 -20.54
C SER A 270 0.85 -24.81 -19.45
N LEU A 271 -0.36 -24.64 -18.95
CA LEU A 271 -0.70 -23.49 -18.13
C LEU A 271 -0.18 -23.55 -16.69
N GLN A 272 0.59 -22.54 -16.30
CA GLN A 272 1.09 -22.46 -14.93
C GLN A 272 0.40 -21.40 -14.08
N TYR A 273 0.16 -20.24 -14.67
CA TYR A 273 -0.50 -19.16 -13.95
C TYR A 273 -1.70 -18.62 -14.72
N LEU A 274 -2.84 -18.54 -14.04
CA LEU A 274 -4.06 -18.04 -14.64
C LEU A 274 -4.71 -17.02 -13.73
N SER A 275 -4.89 -15.79 -14.23
CA SER A 275 -5.64 -14.79 -13.49
C SER A 275 -6.81 -14.23 -14.28
N LEU A 276 -8.00 -14.31 -13.69
CA LEU A 276 -9.19 -13.70 -14.26
C LEU A 276 -9.73 -12.68 -13.25
N ALA A 277 -8.88 -12.27 -12.32
CA ALA A 277 -9.29 -11.39 -11.22
C ALA A 277 -9.86 -10.07 -11.71
N GLU A 278 -10.74 -9.45 -10.91
CA GLU A 278 -11.30 -8.13 -11.18
C GLU A 278 -11.95 -8.00 -12.55
N ASN A 279 -12.87 -8.91 -12.87
CA ASN A 279 -13.71 -8.73 -14.04
C ASN A 279 -15.16 -8.86 -13.62
N LYS A 280 -16.03 -9.34 -14.50
CA LYS A 280 -17.41 -9.60 -14.10
C LYS A 280 -17.85 -11.00 -14.58
N PHE A 281 -16.91 -11.94 -14.49
CA PHE A 281 -17.24 -13.31 -14.84
C PHE A 281 -18.31 -13.82 -13.90
N THR A 282 -19.15 -14.70 -14.42
CA THR A 282 -20.26 -15.25 -13.65
C THR A 282 -20.23 -16.77 -13.73
N GLY A 283 -21.09 -17.41 -12.94
CA GLY A 283 -21.25 -18.84 -13.01
C GLY A 283 -20.40 -19.55 -11.99
N GLU A 284 -20.33 -20.87 -12.10
CA GLU A 284 -19.52 -21.68 -11.22
C GLU A 284 -18.16 -21.95 -11.87
N ILE A 285 -17.22 -22.46 -11.09
CA ILE A 285 -15.95 -22.91 -11.65
C ILE A 285 -16.25 -24.18 -12.44
N PRO A 286 -15.95 -24.17 -13.76
CA PRO A 286 -16.31 -25.29 -14.63
C PRO A 286 -15.27 -26.39 -14.51
N ASP A 287 -15.72 -27.63 -14.67
CA ASP A 287 -14.88 -28.78 -14.46
C ASP A 287 -13.80 -28.94 -15.53
N PHE A 288 -13.96 -28.28 -16.67
CA PHE A 288 -12.96 -28.42 -17.72
C PHE A 288 -11.57 -27.88 -17.31
N LEU A 289 -11.55 -26.93 -16.39
CA LEU A 289 -10.27 -26.42 -15.85
C LEU A 289 -9.40 -27.56 -15.32
N SER A 290 -10.03 -28.69 -14.99
CA SER A 290 -9.30 -29.84 -14.50
C SER A 290 -8.14 -30.19 -15.41
N GLY A 291 -8.25 -29.87 -16.70
CA GLY A 291 -7.20 -30.18 -17.65
C GLY A 291 -5.87 -29.47 -17.42
N ALA A 292 -5.84 -28.53 -16.49
CA ALA A 292 -4.61 -27.81 -16.20
C ALA A 292 -3.92 -28.31 -14.93
N CYS A 293 -4.46 -29.39 -14.36
CA CYS A 293 -3.99 -29.84 -13.05
C CYS A 293 -2.58 -30.42 -13.05
N ASP A 294 -2.05 -30.76 -14.22
CA ASP A 294 -0.70 -31.30 -14.30
C ASP A 294 0.33 -30.18 -14.17
N THR A 295 -0.10 -28.94 -14.42
CA THR A 295 0.83 -27.84 -14.60
C THR A 295 0.52 -26.59 -13.77
N LEU A 296 -0.74 -26.38 -13.46
CA LEU A 296 -1.17 -25.14 -12.83
C LEU A 296 -0.50 -24.91 -11.47
N THR A 297 0.16 -23.77 -11.32
CA THR A 297 0.83 -23.45 -10.07
C THR A 297 0.18 -22.26 -9.35
N GLY A 298 -0.45 -21.38 -10.13
CA GLY A 298 -1.13 -20.23 -9.56
C GLY A 298 -2.48 -19.97 -10.19
N LEU A 299 -3.51 -19.81 -9.35
CA LEU A 299 -4.84 -19.49 -9.84
C LEU A 299 -5.43 -18.32 -9.07
N ASP A 300 -5.95 -17.35 -9.82
CA ASP A 300 -6.58 -16.18 -9.24
C ASP A 300 -7.90 -15.86 -9.94
N LEU A 301 -8.99 -15.91 -9.18
CA LEU A 301 -10.33 -15.65 -9.71
C LEU A 301 -11.02 -14.57 -8.87
N SER A 302 -10.24 -13.90 -8.05
CA SER A 302 -10.73 -12.86 -7.15
C SER A 302 -11.55 -11.77 -7.84
N GLY A 303 -12.53 -11.23 -7.13
CA GLY A 303 -13.28 -10.08 -7.58
C GLY A 303 -14.11 -10.29 -8.83
N ASN A 304 -14.86 -11.39 -8.88
CA ASN A 304 -15.84 -11.59 -9.93
C ASN A 304 -17.22 -11.85 -9.33
N HIS A 305 -18.07 -12.58 -10.05
CA HIS A 305 -19.37 -12.94 -9.53
C HIS A 305 -19.55 -14.45 -9.52
N PHE A 306 -18.46 -15.17 -9.28
CA PHE A 306 -18.54 -16.61 -9.25
C PHE A 306 -19.36 -17.02 -8.04
N TYR A 307 -19.92 -18.23 -8.08
CA TYR A 307 -20.70 -18.77 -6.99
C TYR A 307 -20.60 -20.29 -6.96
N GLY A 308 -21.26 -20.89 -5.97
CA GLY A 308 -21.25 -22.33 -5.83
C GLY A 308 -20.07 -22.83 -5.00
N ALA A 309 -19.71 -24.09 -5.22
CA ALA A 309 -18.69 -24.73 -4.41
C ALA A 309 -17.34 -24.74 -5.13
N VAL A 310 -16.31 -25.20 -4.43
CA VAL A 310 -15.00 -25.43 -5.04
C VAL A 310 -14.96 -26.85 -5.57
N PRO A 311 -14.89 -26.99 -6.90
CA PRO A 311 -14.91 -28.30 -7.57
C PRO A 311 -13.91 -29.30 -6.97
N PRO A 312 -14.35 -30.54 -6.77
CA PRO A 312 -13.51 -31.65 -6.30
C PRO A 312 -12.27 -31.91 -7.18
N PHE A 313 -12.32 -31.54 -8.45
CA PHE A 313 -11.20 -31.80 -9.35
C PHE A 313 -9.93 -31.08 -8.90
N PHE A 314 -10.08 -30.02 -8.12
CA PHE A 314 -8.92 -29.30 -7.62
C PHE A 314 -8.00 -30.22 -6.82
N GLY A 315 -8.54 -31.36 -6.38
CA GLY A 315 -7.75 -32.33 -5.66
C GLY A 315 -6.56 -32.81 -6.47
N SER A 316 -6.72 -32.85 -7.78
CA SER A 316 -5.68 -33.34 -8.68
C SER A 316 -4.65 -32.28 -9.05
N CYS A 317 -4.92 -31.03 -8.69
CA CYS A 317 -3.97 -29.94 -8.92
C CYS A 317 -2.92 -29.98 -7.83
N SER A 318 -1.89 -30.78 -8.08
CA SER A 318 -0.94 -31.12 -7.04
C SER A 318 0.18 -30.10 -6.99
N LEU A 319 0.28 -29.31 -8.04
CA LEU A 319 1.38 -28.35 -8.15
C LEU A 319 0.93 -26.95 -7.75
N LEU A 320 -0.36 -26.80 -7.48
CA LEU A 320 -0.96 -25.50 -7.18
C LEU A 320 -0.43 -24.90 -5.88
N GLU A 321 0.33 -23.82 -6.02
CA GLU A 321 0.91 -23.13 -4.88
C GLU A 321 -0.05 -22.10 -4.30
N SER A 322 -0.90 -21.52 -5.16
CA SER A 322 -1.67 -20.35 -4.78
C SER A 322 -3.09 -20.39 -5.33
N LEU A 323 -4.06 -20.36 -4.43
CA LEU A 323 -5.45 -20.40 -4.81
C LEU A 323 -6.14 -19.15 -4.25
N ALA A 324 -6.44 -18.21 -5.14
CA ALA A 324 -7.06 -16.96 -4.73
C ALA A 324 -8.47 -16.91 -5.30
N LEU A 325 -9.47 -16.91 -4.43
CA LEU A 325 -10.85 -16.88 -4.86
C LEU A 325 -11.63 -15.79 -4.12
N SER A 326 -10.93 -14.79 -3.61
CA SER A 326 -11.56 -13.80 -2.75
C SER A 326 -12.58 -12.95 -3.50
N SER A 327 -13.56 -12.43 -2.76
CA SER A 327 -14.58 -11.53 -3.29
C SER A 327 -15.38 -12.15 -4.42
N ASN A 328 -16.00 -13.28 -4.15
CA ASN A 328 -17.04 -13.80 -5.01
C ASN A 328 -18.20 -14.18 -4.11
N ASN A 329 -19.00 -15.15 -4.51
CA ASN A 329 -20.05 -15.63 -3.64
C ASN A 329 -19.99 -17.13 -3.47
N PHE A 330 -18.77 -17.66 -3.39
CA PHE A 330 -18.56 -19.07 -3.11
C PHE A 330 -19.21 -19.44 -1.77
N SER A 331 -19.71 -20.67 -1.67
CA SER A 331 -20.44 -21.11 -0.49
C SER A 331 -20.18 -22.55 -0.10
N GLY A 332 -20.80 -22.98 0.99
CA GLY A 332 -20.63 -24.34 1.47
C GLY A 332 -19.58 -24.45 2.55
N GLU A 333 -19.27 -25.67 2.94
CA GLU A 333 -18.25 -25.90 3.95
C GLU A 333 -16.86 -25.92 3.32
N LEU A 334 -15.86 -25.64 4.15
CA LEU A 334 -14.48 -25.74 3.74
C LEU A 334 -14.26 -27.10 3.09
N PRO A 335 -13.92 -27.11 1.79
CA PRO A 335 -13.76 -28.40 1.09
C PRO A 335 -12.45 -29.09 1.48
N MET A 336 -12.36 -29.54 2.72
CA MET A 336 -11.11 -30.08 3.27
C MET A 336 -10.67 -31.34 2.52
N ASP A 337 -11.65 -32.15 2.16
CA ASP A 337 -11.44 -33.34 1.34
C ASP A 337 -10.55 -33.03 0.14
N THR A 338 -10.72 -31.83 -0.42
CA THR A 338 -9.96 -31.44 -1.61
C THR A 338 -8.64 -30.75 -1.25
N LEU A 339 -8.72 -29.77 -0.35
CA LEU A 339 -7.56 -29.00 0.06
C LEU A 339 -6.42 -29.90 0.56
N LEU A 340 -6.79 -31.03 1.19
CA LEU A 340 -5.79 -31.92 1.76
C LEU A 340 -4.94 -32.63 0.71
N LYS A 341 -5.49 -32.74 -0.50
CA LYS A 341 -4.79 -33.41 -1.58
C LYS A 341 -3.84 -32.45 -2.31
N MET A 342 -3.98 -31.16 -2.07
CA MET A 342 -3.15 -30.19 -2.75
C MET A 342 -1.80 -30.03 -2.09
N ARG A 343 -0.95 -31.03 -2.30
CA ARG A 343 0.39 -31.06 -1.74
C ARG A 343 1.12 -29.71 -1.81
N GLY A 344 1.00 -29.03 -2.94
CA GLY A 344 1.83 -27.87 -3.24
C GLY A 344 1.41 -26.53 -2.64
N LEU A 345 0.23 -26.49 -2.04
CA LEU A 345 -0.43 -25.24 -1.64
C LEU A 345 0.33 -24.45 -0.57
N LYS A 346 0.50 -23.16 -0.81
CA LYS A 346 1.15 -22.30 0.16
C LYS A 346 0.27 -21.09 0.51
N VAL A 347 -0.58 -20.68 -0.43
CA VAL A 347 -1.45 -19.54 -0.19
C VAL A 347 -2.89 -19.91 -0.48
N LEU A 348 -3.76 -19.73 0.51
CA LEU A 348 -5.17 -20.05 0.35
C LEU A 348 -6.03 -18.86 0.76
N ASP A 349 -6.66 -18.23 -0.23
CA ASP A 349 -7.42 -17.02 0.00
C ASP A 349 -8.86 -17.20 -0.41
N LEU A 350 -9.75 -17.35 0.57
CA LEU A 350 -11.16 -17.54 0.30
C LEU A 350 -11.97 -16.39 0.90
N SER A 351 -11.27 -15.29 1.19
CA SER A 351 -11.87 -14.20 1.91
C SER A 351 -12.95 -13.52 1.08
N PHE A 352 -13.89 -12.87 1.77
CA PHE A 352 -15.00 -12.17 1.11
C PHE A 352 -15.86 -13.09 0.28
N ASN A 353 -16.31 -14.18 0.89
CA ASN A 353 -17.26 -15.08 0.28
C ASN A 353 -18.37 -15.41 1.27
N GLU A 354 -19.03 -16.54 1.06
CA GLU A 354 -20.11 -16.97 1.94
C GLU A 354 -19.94 -18.43 2.32
N PHE A 355 -18.68 -18.84 2.46
CA PHE A 355 -18.37 -20.12 3.04
C PHE A 355 -18.91 -20.15 4.45
N SER A 356 -19.42 -21.29 4.90
CA SER A 356 -20.00 -21.37 6.24
C SER A 356 -19.64 -22.67 6.95
N GLY A 357 -20.34 -22.93 8.05
CA GLY A 357 -20.10 -24.12 8.84
C GLY A 357 -18.91 -23.94 9.75
N GLU A 358 -18.53 -25.02 10.46
CA GLU A 358 -17.43 -24.95 11.40
C GLU A 358 -16.11 -25.38 10.76
N LEU A 359 -15.01 -25.06 11.42
CA LEU A 359 -13.70 -25.48 10.96
C LEU A 359 -13.49 -26.96 11.23
N PRO A 360 -13.13 -27.73 10.18
CA PRO A 360 -12.87 -29.17 10.30
C PRO A 360 -11.51 -29.42 10.94
N GLU A 361 -11.38 -30.54 11.65
CA GLU A 361 -10.15 -30.89 12.34
C GLU A 361 -8.99 -31.10 11.35
N SER A 362 -9.29 -31.72 10.22
CA SER A 362 -8.29 -31.98 9.17
C SER A 362 -7.51 -30.72 8.78
N LEU A 363 -8.14 -29.56 8.98
CA LEU A 363 -7.54 -28.28 8.64
C LEU A 363 -6.17 -28.11 9.31
N THR A 364 -6.01 -28.73 10.48
CA THR A 364 -4.76 -28.66 11.23
C THR A 364 -3.58 -29.13 10.39
N ASN A 365 -3.79 -30.19 9.59
CA ASN A 365 -2.71 -30.69 8.76
C ASN A 365 -2.17 -29.62 7.82
N LEU A 366 -3.06 -28.73 7.37
CA LEU A 366 -2.68 -27.66 6.45
C LEU A 366 -1.69 -26.67 7.08
N SER A 367 -1.69 -26.57 8.41
CA SER A 367 -0.74 -25.71 9.07
C SER A 367 0.68 -26.12 8.70
N ALA A 368 0.83 -27.36 8.23
CA ALA A 368 2.13 -27.92 7.89
C ALA A 368 2.67 -27.50 6.51
N SER A 369 1.80 -26.98 5.65
CA SER A 369 2.19 -26.63 4.29
C SER A 369 1.98 -25.15 3.93
N LEU A 370 0.85 -24.61 4.36
CA LEU A 370 0.47 -23.23 4.06
C LEU A 370 1.37 -22.18 4.70
N LEU A 371 1.59 -21.09 3.98
CA LEU A 371 2.21 -19.90 4.54
C LEU A 371 1.13 -18.87 4.87
N THR A 372 -0.04 -19.03 4.25
CA THR A 372 -1.11 -18.04 4.36
C THR A 372 -2.47 -18.69 4.30
N LEU A 373 -3.27 -18.47 5.34
CA LEU A 373 -4.62 -18.98 5.39
C LEU A 373 -5.54 -17.79 5.58
N ASP A 374 -6.33 -17.50 4.56
CA ASP A 374 -7.21 -16.35 4.64
C ASP A 374 -8.67 -16.76 4.45
N LEU A 375 -9.41 -16.75 5.55
CA LEU A 375 -10.82 -17.10 5.52
C LEU A 375 -11.66 -15.91 5.93
N SER A 376 -11.05 -14.72 5.93
CA SER A 376 -11.74 -13.55 6.46
C SER A 376 -13.02 -13.19 5.69
N SER A 377 -13.95 -12.56 6.39
CA SER A 377 -15.24 -12.15 5.85
C SER A 377 -16.01 -13.27 5.18
N ASN A 378 -16.28 -14.33 5.93
CA ASN A 378 -17.22 -15.35 5.49
C ASN A 378 -18.33 -15.53 6.52
N ASN A 379 -19.10 -16.61 6.40
CA ASN A 379 -20.07 -16.95 7.43
C ASN A 379 -19.64 -18.20 8.20
N PHE A 380 -18.37 -18.27 8.60
CA PHE A 380 -17.93 -19.39 9.44
C PHE A 380 -18.39 -19.17 10.87
N SER A 381 -18.53 -20.27 11.61
CA SER A 381 -19.04 -20.23 12.97
C SER A 381 -18.37 -21.34 13.77
N GLY A 382 -18.62 -21.37 15.08
CA GLY A 382 -17.99 -22.35 15.95
C GLY A 382 -16.67 -21.87 16.50
N PRO A 383 -15.99 -22.71 17.29
CA PRO A 383 -14.68 -22.39 17.85
C PRO A 383 -13.57 -22.37 16.80
N ILE A 384 -12.49 -21.66 17.09
CA ILE A 384 -11.28 -21.76 16.28
C ILE A 384 -10.50 -23.00 16.71
N LEU A 385 -10.18 -23.86 15.74
CA LEU A 385 -9.51 -25.14 16.00
C LEU A 385 -8.40 -25.09 17.06
N PRO A 386 -8.61 -25.79 18.18
CA PRO A 386 -7.63 -25.83 19.27
C PRO A 386 -6.31 -26.41 18.80
N ASN A 387 -6.36 -27.31 17.83
CA ASN A 387 -5.17 -28.05 17.43
C ASN A 387 -4.46 -27.44 16.24
N LEU A 388 -5.02 -26.36 15.70
CA LEU A 388 -4.57 -25.79 14.43
C LEU A 388 -3.11 -26.04 14.10
N CYS A 389 -2.18 -25.53 14.91
CA CYS A 389 -0.77 -25.67 14.60
C CYS A 389 -0.11 -26.82 15.38
N GLN A 390 -0.65 -28.02 15.17
CA GLN A 390 -0.25 -29.21 15.93
C GLN A 390 0.93 -29.93 15.29
N ASN A 391 1.13 -29.69 14.00
CA ASN A 391 2.15 -30.41 13.23
C ASN A 391 3.58 -29.99 13.56
N PRO A 392 4.48 -30.98 13.72
CA PRO A 392 5.88 -30.82 14.10
C PRO A 392 6.50 -29.52 13.61
N LYS A 393 6.40 -29.26 12.30
CA LYS A 393 6.98 -28.04 11.75
C LYS A 393 6.01 -27.32 10.81
N ASN A 394 5.02 -26.66 11.41
CA ASN A 394 4.09 -25.82 10.67
C ASN A 394 4.74 -24.55 10.13
N THR A 395 4.36 -24.18 8.90
CA THR A 395 4.99 -23.08 8.18
C THR A 395 4.20 -21.78 8.24
N LEU A 396 2.97 -21.87 8.76
CA LEU A 396 2.00 -20.78 8.71
C LEU A 396 2.50 -19.41 9.18
N GLN A 397 2.43 -18.43 8.28
CA GLN A 397 2.89 -17.08 8.61
C GLN A 397 1.75 -16.10 8.81
N GLU A 398 0.65 -16.31 8.09
CA GLU A 398 -0.48 -15.38 8.10
C GLU A 398 -1.78 -16.11 8.33
N LEU A 399 -2.50 -15.71 9.37
CA LEU A 399 -3.76 -16.32 9.72
C LEU A 399 -4.83 -15.26 9.82
N TYR A 400 -5.72 -15.24 8.84
CA TYR A 400 -6.75 -14.20 8.77
C TYR A 400 -8.12 -14.83 8.91
N LEU A 401 -8.70 -14.67 10.09
CA LEU A 401 -10.01 -15.25 10.37
C LEU A 401 -11.01 -14.15 10.72
N GLN A 402 -10.66 -12.91 10.43
CA GLN A 402 -11.48 -11.80 10.91
C GLN A 402 -12.82 -11.72 10.16
N ASN A 403 -13.80 -11.11 10.80
CA ASN A 403 -15.13 -10.92 10.24
C ASN A 403 -15.85 -12.23 9.87
N ASN A 404 -15.99 -13.12 10.84
CA ASN A 404 -16.81 -14.32 10.73
C ASN A 404 -17.72 -14.38 11.96
N GLY A 405 -18.24 -15.55 12.29
CA GLY A 405 -18.98 -15.69 13.53
C GLY A 405 -18.33 -16.67 14.50
N PHE A 406 -17.01 -16.66 14.60
CA PHE A 406 -16.33 -17.57 15.53
C PHE A 406 -16.64 -17.28 17.00
N THR A 407 -16.97 -18.35 17.72
CA THR A 407 -17.22 -18.26 19.15
C THR A 407 -16.11 -18.94 19.93
N GLY A 408 -16.25 -18.98 21.25
CA GLY A 408 -15.28 -19.68 22.08
C GLY A 408 -14.08 -18.81 22.37
N LYS A 409 -12.94 -19.45 22.59
CA LYS A 409 -11.76 -18.71 23.01
C LYS A 409 -10.68 -18.72 21.95
N ILE A 410 -9.69 -17.85 22.16
CA ILE A 410 -8.48 -17.88 21.36
C ILE A 410 -7.58 -18.98 21.91
N PRO A 411 -7.33 -20.02 21.10
CA PRO A 411 -6.49 -21.15 21.50
C PRO A 411 -5.05 -20.74 21.79
N PRO A 412 -4.56 -20.99 23.02
CA PRO A 412 -3.17 -20.71 23.39
C PRO A 412 -2.22 -21.48 22.48
N THR A 413 -2.71 -22.57 21.92
CA THR A 413 -1.93 -23.42 21.03
C THR A 413 -1.47 -22.69 19.76
N LEU A 414 -2.00 -21.49 19.52
CA LEU A 414 -1.55 -20.69 18.39
C LEU A 414 -0.10 -20.28 18.61
N SER A 415 0.36 -20.38 19.84
CA SER A 415 1.75 -20.10 20.15
C SER A 415 2.66 -21.13 19.46
N ASN A 416 2.07 -22.24 19.05
CA ASN A 416 2.80 -23.25 18.28
C ASN A 416 2.87 -23.01 16.76
N CYS A 417 2.10 -22.05 16.24
CA CYS A 417 2.33 -21.58 14.86
C CYS A 417 3.55 -20.68 14.96
N SER A 418 4.69 -21.31 15.04
CA SER A 418 5.93 -20.63 15.39
C SER A 418 6.37 -19.55 14.39
N GLU A 419 5.95 -19.66 13.14
CA GLU A 419 6.39 -18.70 12.12
C GLU A 419 5.41 -17.55 11.92
N LEU A 420 4.41 -17.48 12.80
CA LEU A 420 3.32 -16.53 12.66
C LEU A 420 3.81 -15.09 12.62
N VAL A 421 3.45 -14.40 11.56
CA VAL A 421 3.81 -13.00 11.38
C VAL A 421 2.59 -12.12 11.58
N SER A 422 1.42 -12.64 11.26
CA SER A 422 0.19 -11.86 11.34
C SER A 422 -1.02 -12.66 11.74
N LEU A 423 -1.65 -12.23 12.83
CA LEU A 423 -2.82 -12.90 13.37
C LEU A 423 -3.98 -11.91 13.44
N HIS A 424 -5.03 -12.19 12.68
CA HIS A 424 -6.17 -11.29 12.60
C HIS A 424 -7.42 -12.11 12.95
N LEU A 425 -7.94 -11.88 14.16
CA LEU A 425 -9.14 -12.56 14.65
C LEU A 425 -10.28 -11.57 14.93
N SER A 426 -10.11 -10.33 14.45
CA SER A 426 -11.08 -9.26 14.68
C SER A 426 -12.47 -9.57 14.13
N PHE A 427 -13.45 -8.81 14.61
CA PHE A 427 -14.84 -8.96 14.18
C PHE A 427 -15.32 -10.40 14.26
N ASN A 428 -15.22 -10.99 15.44
CA ASN A 428 -15.85 -12.25 15.73
C ASN A 428 -16.61 -12.14 17.05
N TYR A 429 -16.89 -13.28 17.69
CA TYR A 429 -17.55 -13.26 18.98
C TYR A 429 -16.71 -14.01 19.99
N LEU A 430 -15.40 -13.78 19.93
CA LEU A 430 -14.47 -14.47 20.82
C LEU A 430 -14.57 -13.89 22.23
N SER A 431 -14.53 -14.79 23.21
CA SER A 431 -14.52 -14.41 24.60
C SER A 431 -13.25 -15.01 25.21
N GLY A 432 -13.13 -14.97 26.53
CA GLY A 432 -11.92 -15.41 27.19
C GLY A 432 -10.87 -14.31 27.16
N THR A 433 -9.62 -14.65 27.39
CA THR A 433 -8.58 -13.64 27.42
C THR A 433 -7.63 -13.72 26.23
N ILE A 434 -6.69 -12.78 26.17
CA ILE A 434 -5.62 -12.83 25.19
C ILE A 434 -4.49 -13.73 25.69
N PRO A 435 -4.40 -14.95 25.14
CA PRO A 435 -3.49 -15.92 25.75
C PRO A 435 -2.06 -15.37 25.87
N SER A 436 -1.49 -15.51 27.06
CA SER A 436 -0.13 -15.04 27.33
C SER A 436 0.90 -15.76 26.46
N SER A 437 0.54 -16.94 25.96
CA SER A 437 1.43 -17.75 25.11
C SER A 437 1.72 -17.09 23.73
N LEU A 438 0.90 -16.13 23.32
CA LEU A 438 1.20 -15.42 22.08
C LEU A 438 2.49 -14.63 22.30
N GLY A 439 2.94 -14.59 23.54
CA GLY A 439 4.20 -13.96 23.86
C GLY A 439 5.38 -14.70 23.26
N SER A 440 5.16 -15.96 22.91
CA SER A 440 6.25 -16.78 22.40
C SER A 440 6.24 -16.87 20.88
N LEU A 441 5.45 -16.02 20.24
CA LEU A 441 5.45 -15.91 18.78
C LEU A 441 6.49 -14.88 18.37
N SER A 442 7.74 -15.34 18.35
CA SER A 442 8.90 -14.46 18.25
C SER A 442 9.03 -13.64 16.97
N LYS A 443 8.23 -13.95 15.96
CA LYS A 443 8.29 -13.21 14.69
C LYS A 443 7.03 -12.37 14.42
N LEU A 444 6.08 -12.41 15.34
CA LEU A 444 4.79 -11.78 15.15
C LEU A 444 4.92 -10.28 15.01
N ARG A 445 4.33 -9.74 13.95
CA ARG A 445 4.34 -8.30 13.69
C ARG A 445 2.97 -7.65 13.94
N ASP A 446 1.90 -8.36 13.58
CA ASP A 446 0.55 -7.81 13.67
C ASP A 446 -0.39 -8.66 14.52
N LEU A 447 -0.91 -8.08 15.60
CA LEU A 447 -1.91 -8.76 16.42
C LEU A 447 -3.19 -7.93 16.38
N LYS A 448 -4.21 -8.46 15.74
CA LYS A 448 -5.46 -7.72 15.58
C LYS A 448 -6.63 -8.56 16.07
N LEU A 449 -7.30 -8.07 17.12
CA LEU A 449 -8.35 -8.84 17.77
C LEU A 449 -9.53 -7.95 18.12
N TRP A 450 -9.71 -6.87 17.36
CA TRP A 450 -10.69 -5.86 17.75
C TRP A 450 -12.11 -6.26 17.38
N LEU A 451 -13.06 -5.68 18.10
CA LEU A 451 -14.46 -6.09 18.04
C LEU A 451 -14.64 -7.59 18.29
N ASN A 452 -14.40 -7.98 19.52
CA ASN A 452 -14.78 -9.28 20.06
C ASN A 452 -15.33 -9.03 21.47
N MET A 453 -15.40 -10.06 22.30
CA MET A 453 -15.82 -9.85 23.68
C MET A 453 -14.70 -10.25 24.63
N LEU A 454 -13.46 -9.94 24.27
CA LEU A 454 -12.29 -10.34 25.06
C LEU A 454 -12.24 -9.66 26.43
N GLU A 455 -11.87 -10.45 27.42
CA GLU A 455 -11.81 -10.00 28.81
C GLU A 455 -10.40 -10.15 29.41
N GLY A 456 -10.27 -9.75 30.66
CA GLY A 456 -8.99 -9.81 31.33
C GLY A 456 -8.06 -8.69 30.91
N GLU A 457 -6.77 -8.92 31.11
CA GLU A 457 -5.78 -7.91 30.92
C GLU A 457 -4.94 -8.15 29.68
N ILE A 458 -4.19 -7.13 29.29
CA ILE A 458 -3.27 -7.24 28.18
C ILE A 458 -1.99 -7.92 28.69
N PRO A 459 -1.66 -9.09 28.11
CA PRO A 459 -0.57 -9.94 28.60
C PRO A 459 0.78 -9.22 28.67
N GLN A 460 1.39 -9.23 29.85
CA GLN A 460 2.73 -8.71 30.03
C GLN A 460 3.67 -9.43 29.07
N GLU A 461 3.35 -10.68 28.79
CA GLU A 461 4.18 -11.56 27.97
C GLU A 461 4.45 -11.02 26.57
N LEU A 462 3.64 -10.05 26.12
CA LEU A 462 3.88 -9.45 24.82
C LEU A 462 5.28 -8.84 24.78
N MET A 463 5.84 -8.62 25.97
CA MET A 463 7.18 -8.07 26.08
C MET A 463 8.23 -8.97 25.44
N TYR A 464 7.87 -10.22 25.18
CA TYR A 464 8.80 -11.15 24.55
C TYR A 464 8.82 -11.02 23.03
N VAL A 465 7.83 -10.32 22.48
CA VAL A 465 7.69 -10.20 21.03
C VAL A 465 8.36 -8.92 20.55
N LYS A 466 9.65 -9.01 20.26
CA LYS A 466 10.43 -7.84 19.85
C LYS A 466 9.94 -7.27 18.54
N THR A 467 9.44 -8.16 17.68
CA THR A 467 9.03 -7.79 16.32
C THR A 467 7.68 -7.04 16.22
N LEU A 468 6.95 -6.92 17.34
CA LEU A 468 5.58 -6.41 17.35
C LEU A 468 5.48 -4.98 16.81
N GLU A 469 4.62 -4.80 15.81
CA GLU A 469 4.42 -3.50 15.16
C GLU A 469 3.02 -2.95 15.39
N THR A 470 2.05 -3.85 15.47
CA THR A 470 0.65 -3.51 15.46
C THR A 470 -0.10 -4.23 16.59
N LEU A 471 -0.69 -3.47 17.50
CA LEU A 471 -1.53 -4.07 18.53
C LEU A 471 -2.91 -3.41 18.51
N ILE A 472 -3.88 -4.12 17.94
CA ILE A 472 -5.22 -3.55 17.73
C ILE A 472 -6.24 -4.36 18.50
N LEU A 473 -6.78 -3.77 19.57
CA LEU A 473 -7.64 -4.48 20.52
C LEU A 473 -8.88 -3.66 20.86
N ASP A 474 -9.21 -2.71 20.00
CA ASP A 474 -10.41 -1.90 20.19
C ASP A 474 -11.65 -2.77 20.31
N PHE A 475 -12.62 -2.26 21.07
CA PHE A 475 -13.95 -2.85 21.17
C PHE A 475 -13.95 -4.24 21.77
N ASN A 476 -13.35 -4.36 22.94
CA ASN A 476 -13.53 -5.55 23.74
C ASN A 476 -13.95 -5.15 25.16
N ASP A 477 -13.72 -6.01 26.14
CA ASP A 477 -14.02 -5.70 27.53
C ASP A 477 -12.74 -5.89 28.31
N LEU A 478 -11.66 -5.31 27.78
CA LEU A 478 -10.36 -5.42 28.40
C LEU A 478 -10.27 -4.49 29.60
N THR A 479 -9.67 -4.99 30.68
CA THR A 479 -9.55 -4.26 31.92
C THR A 479 -8.10 -4.15 32.33
N GLY A 480 -7.86 -3.53 33.48
CA GLY A 480 -6.52 -3.37 33.99
C GLY A 480 -5.79 -2.22 33.32
N GLU A 481 -4.49 -2.16 33.51
CA GLU A 481 -3.70 -1.06 33.00
C GLU A 481 -2.87 -1.52 31.82
N ILE A 482 -2.26 -0.57 31.13
CA ILE A 482 -1.30 -0.84 30.07
C ILE A 482 -0.06 -1.48 30.69
N PRO A 483 0.22 -2.75 30.33
CA PRO A 483 1.36 -3.48 30.91
C PRO A 483 2.71 -2.85 30.55
N SER A 484 3.59 -2.74 31.53
CA SER A 484 4.91 -2.16 31.32
C SER A 484 5.71 -2.96 30.29
N GLY A 485 5.32 -4.22 30.10
CA GLY A 485 5.97 -5.08 29.12
C GLY A 485 6.01 -4.44 27.74
N LEU A 486 4.96 -3.72 27.37
CA LEU A 486 4.89 -3.12 26.05
C LEU A 486 6.06 -2.18 25.78
N SER A 487 6.71 -1.73 26.85
CA SER A 487 7.89 -0.87 26.72
C SER A 487 9.03 -1.55 25.96
N ASN A 488 9.10 -2.88 26.06
CA ASN A 488 10.12 -3.64 25.36
C ASN A 488 9.81 -3.80 23.86
N CYS A 489 8.58 -3.51 23.46
CA CYS A 489 8.18 -3.67 22.06
C CYS A 489 8.47 -2.40 21.28
N THR A 490 9.76 -2.17 20.99
CA THR A 490 10.19 -0.90 20.44
C THR A 490 9.86 -0.68 18.97
N ASN A 491 9.30 -1.69 18.31
CA ASN A 491 8.87 -1.53 16.92
C ASN A 491 7.38 -1.26 16.79
N LEU A 492 6.68 -1.17 17.91
CA LEU A 492 5.27 -0.81 17.86
C LEU A 492 5.13 0.48 17.08
N ASN A 493 4.24 0.49 16.10
CA ASN A 493 3.96 1.73 15.37
C ASN A 493 2.48 2.09 15.36
N TRP A 494 1.65 1.20 15.89
CA TRP A 494 0.20 1.42 15.89
C TRP A 494 -0.44 0.70 17.09
N ILE A 495 -0.74 1.46 18.15
CA ILE A 495 -1.39 0.91 19.34
C ILE A 495 -2.83 1.41 19.45
N SER A 496 -3.79 0.49 19.49
CA SER A 496 -5.19 0.90 19.52
C SER A 496 -6.00 0.07 20.51
N LEU A 497 -6.45 0.72 21.57
CA LEU A 497 -7.08 0.03 22.69
C LEU A 497 -8.42 0.69 23.03
N SER A 498 -8.94 1.48 22.10
CA SER A 498 -10.17 2.22 22.40
C SER A 498 -11.32 1.27 22.73
N ASN A 499 -12.27 1.78 23.51
CA ASN A 499 -13.49 1.06 23.78
C ASN A 499 -13.28 -0.25 24.51
N ASN A 500 -12.53 -0.15 25.59
CA ASN A 500 -12.45 -1.23 26.55
C ASN A 500 -12.84 -0.68 27.90
N ARG A 501 -12.37 -1.28 28.99
CA ARG A 501 -12.58 -0.69 30.31
C ARG A 501 -11.26 -0.55 31.02
N LEU A 502 -10.27 -0.01 30.31
CA LEU A 502 -8.92 0.06 30.82
C LEU A 502 -8.76 1.23 31.81
N THR A 503 -7.74 1.12 32.65
CA THR A 503 -7.46 2.10 33.69
C THR A 503 -5.97 2.44 33.82
N GLY A 504 -5.65 3.27 34.81
CA GLY A 504 -4.29 3.70 35.03
C GLY A 504 -3.88 4.82 34.11
N GLU A 505 -2.59 5.12 34.10
CA GLU A 505 -2.07 6.24 33.34
C GLU A 505 -1.35 5.78 32.09
N ILE A 506 -1.07 6.73 31.22
CA ILE A 506 -0.16 6.48 30.13
C ILE A 506 1.23 6.40 30.73
N PRO A 507 1.88 5.23 30.64
CA PRO A 507 3.22 5.16 31.23
C PRO A 507 4.17 6.13 30.55
N LYS A 508 5.12 6.65 31.31
CA LYS A 508 6.10 7.59 30.77
C LYS A 508 7.06 6.88 29.83
N TRP A 509 7.20 5.56 30.01
CA TRP A 509 8.04 4.79 29.10
C TRP A 509 7.52 4.86 27.67
N ILE A 510 6.28 5.32 27.52
CA ILE A 510 5.68 5.52 26.21
C ILE A 510 6.67 6.27 25.34
N GLY A 511 7.46 7.14 25.99
CA GLY A 511 8.39 8.01 25.29
C GLY A 511 9.42 7.30 24.43
N ARG A 512 9.78 6.06 24.81
CA ARG A 512 10.87 5.36 24.13
C ARG A 512 10.40 4.47 22.99
N LEU A 513 9.16 4.65 22.54
CA LEU A 513 8.67 3.93 21.36
C LEU A 513 8.77 4.85 20.14
N GLU A 514 9.98 4.97 19.61
CA GLU A 514 10.27 5.97 18.58
C GLU A 514 9.52 5.72 17.27
N ASN A 515 8.89 4.56 17.12
CA ASN A 515 8.16 4.26 15.89
C ASN A 515 6.65 4.39 15.99
N LEU A 516 6.14 4.59 17.21
CA LEU A 516 4.71 4.73 17.44
C LEU A 516 4.13 5.91 16.64
N ALA A 517 3.26 5.61 15.70
CA ALA A 517 2.70 6.63 14.81
C ALA A 517 1.26 6.91 15.19
N ILE A 518 0.60 5.90 15.72
CA ILE A 518 -0.81 6.00 16.05
C ILE A 518 -1.06 5.46 17.45
N LEU A 519 -1.60 6.31 18.32
CA LEU A 519 -1.97 5.90 19.66
C LEU A 519 -3.41 6.31 19.93
N LYS A 520 -4.28 5.32 19.98
CA LYS A 520 -5.70 5.54 20.17
C LYS A 520 -6.20 4.83 21.43
N LEU A 521 -6.62 5.63 22.41
CA LEU A 521 -6.96 5.13 23.74
C LEU A 521 -8.33 5.59 24.19
N SER A 522 -9.17 6.00 23.25
CA SER A 522 -10.44 6.66 23.59
C SER A 522 -11.46 5.72 24.24
N ASN A 523 -12.46 6.31 24.88
CA ASN A 523 -13.52 5.59 25.59
C ASN A 523 -13.00 4.47 26.47
N ASN A 524 -12.13 4.85 27.40
CA ASN A 524 -11.73 3.99 28.51
C ASN A 524 -11.90 4.74 29.82
N SER A 525 -11.08 4.40 30.81
CA SER A 525 -11.05 5.11 32.08
C SER A 525 -9.61 5.43 32.48
N PHE A 526 -8.78 5.84 31.52
CA PHE A 526 -7.41 6.22 31.83
C PHE A 526 -7.42 7.49 32.66
N SER A 527 -6.34 7.74 33.40
CA SER A 527 -6.29 8.93 34.25
C SER A 527 -4.89 9.49 34.43
N GLY A 528 -4.79 10.49 35.32
CA GLY A 528 -3.54 11.18 35.54
C GLY A 528 -3.25 12.20 34.45
N ASN A 529 -2.06 12.78 34.49
CA ASN A 529 -1.66 13.77 33.51
C ASN A 529 -1.25 13.14 32.19
N ILE A 530 -1.25 13.94 31.13
CA ILE A 530 -0.68 13.57 29.86
C ILE A 530 0.84 13.59 30.02
N PRO A 531 1.51 12.47 29.76
CA PRO A 531 2.97 12.46 29.94
C PRO A 531 3.71 13.28 28.89
N ALA A 532 4.56 14.20 29.36
CA ALA A 532 5.35 15.06 28.48
C ALA A 532 6.26 14.21 27.61
N GLU A 533 6.49 12.99 28.08
CA GLU A 533 7.31 12.03 27.37
C GLU A 533 6.71 11.65 26.03
N LEU A 534 5.43 11.96 25.85
CA LEU A 534 4.76 11.78 24.58
C LEU A 534 5.49 12.57 23.48
N GLY A 535 6.13 13.68 23.88
CA GLY A 535 6.85 14.52 22.95
C GLY A 535 8.13 13.86 22.45
N ASP A 536 8.47 12.72 23.03
CA ASP A 536 9.67 11.98 22.64
C ASP A 536 9.39 10.89 21.62
N CYS A 537 8.13 10.79 21.19
CA CYS A 537 7.75 9.84 20.16
C CYS A 537 7.97 10.48 18.79
N ARG A 538 9.07 10.09 18.16
CA ARG A 538 9.53 10.71 16.92
C ARG A 538 8.64 10.42 15.71
N SER A 539 7.59 9.63 15.91
CA SER A 539 6.73 9.19 14.80
C SER A 539 5.25 9.55 14.98
N LEU A 540 4.90 10.10 16.13
CA LEU A 540 3.50 10.28 16.48
C LEU A 540 2.80 11.28 15.58
N ILE A 541 1.76 10.82 14.88
CA ILE A 541 0.99 11.71 14.02
C ILE A 541 -0.50 11.67 14.32
N TRP A 542 -0.92 10.69 15.11
CA TRP A 542 -2.34 10.50 15.36
C TRP A 542 -2.56 10.11 16.82
N LEU A 543 -2.97 11.07 17.64
CA LEU A 543 -3.12 10.86 19.07
C LEU A 543 -4.56 11.06 19.54
N ASP A 544 -5.23 9.97 19.87
CA ASP A 544 -6.66 10.01 20.22
C ASP A 544 -6.90 9.54 21.67
N LEU A 545 -7.28 10.48 22.53
CA LEU A 545 -7.47 10.18 23.94
C LEU A 545 -8.85 10.55 24.44
N ASN A 546 -9.79 10.76 23.53
CA ASN A 546 -11.07 11.32 23.94
C ASN A 546 -11.87 10.38 24.86
N THR A 547 -12.65 10.97 25.76
CA THR A 547 -13.53 10.22 26.65
C THR A 547 -12.77 9.32 27.62
N ASN A 548 -11.98 9.95 28.47
CA ASN A 548 -11.28 9.26 29.54
C ASN A 548 -11.40 10.08 30.83
N LEU A 549 -10.40 10.02 31.69
CA LEU A 549 -10.41 10.81 32.92
C LEU A 549 -9.07 11.50 33.11
N PHE A 550 -8.39 11.79 31.99
CA PHE A 550 -7.12 12.49 32.06
C PHE A 550 -7.29 13.86 32.73
N ASN A 551 -6.24 14.34 33.37
CA ASN A 551 -6.26 15.64 34.04
C ASN A 551 -4.92 16.36 34.01
N GLY A 552 -4.78 17.37 34.85
CA GLY A 552 -3.61 18.21 34.81
C GLY A 552 -3.66 19.14 33.61
N THR A 553 -2.49 19.60 33.18
CA THR A 553 -2.41 20.53 32.08
C THR A 553 -1.76 19.90 30.86
N ILE A 554 -1.95 20.51 29.71
CA ILE A 554 -1.29 20.07 28.49
C ILE A 554 0.17 20.46 28.50
N PRO A 555 1.07 19.47 28.39
CA PRO A 555 2.51 19.71 28.44
C PRO A 555 3.05 20.19 27.11
N ALA A 556 3.63 21.39 27.10
CA ALA A 556 4.20 21.95 25.87
C ALA A 556 5.19 20.99 25.22
N ALA A 557 5.91 20.25 26.06
CA ALA A 557 6.93 19.33 25.59
C ALA A 557 6.35 18.27 24.66
N MET A 558 5.08 17.92 24.85
CA MET A 558 4.45 16.91 24.01
C MET A 558 4.38 17.36 22.55
N PHE A 559 4.83 18.58 22.27
CA PHE A 559 4.79 19.09 20.90
C PHE A 559 6.18 19.26 20.29
N LYS A 560 7.20 18.88 21.05
CA LYS A 560 8.59 19.16 20.68
C LYS A 560 9.11 18.38 19.46
N GLN A 561 8.23 17.99 18.55
CA GLN A 561 8.66 17.23 17.38
C GLN A 561 8.04 17.71 16.08
N SER A 562 7.70 19.00 16.00
CA SER A 562 6.87 19.47 14.90
C SER A 562 7.53 20.33 13.79
N GLY A 563 8.80 20.11 13.48
CA GLY A 563 9.61 19.03 14.03
C GLY A 563 10.22 18.21 12.92
N LYS A 564 11.00 17.21 13.31
CA LYS A 564 11.74 16.40 12.34
C LYS A 564 11.12 15.02 12.11
N ILE A 565 9.81 14.96 11.92
CA ILE A 565 9.14 13.69 11.64
C ILE A 565 9.50 13.19 10.25
N ALA A 566 10.22 12.08 10.21
CA ALA A 566 10.77 11.54 8.97
C ALA A 566 9.72 11.30 7.89
N ALA A 567 8.73 10.47 8.20
CA ALA A 567 7.74 10.08 7.18
C ALA A 567 6.31 10.01 7.72
N ASN A 568 5.40 9.61 6.84
CA ASN A 568 3.99 9.48 7.17
C ASN A 568 3.67 8.07 7.67
N PHE A 569 2.39 7.72 7.63
CA PHE A 569 1.94 6.39 8.06
C PHE A 569 0.41 6.28 7.92
N ARG A 574 -3.98 0.78 5.88
CA ARG A 574 -5.24 0.08 5.63
C ARG A 574 -6.24 0.26 6.78
N TYR A 575 -7.10 1.27 6.64
CA TYR A 575 -7.99 1.62 7.74
C TYR A 575 -9.31 2.19 7.22
N VAL A 576 -10.20 2.49 8.15
CA VAL A 576 -11.43 3.19 7.86
C VAL A 576 -11.52 4.29 8.90
N TYR A 577 -11.88 5.49 8.45
CA TYR A 577 -12.09 6.61 9.35
C TYR A 577 -13.58 6.93 9.37
N ILE A 578 -14.18 6.91 10.56
CA ILE A 578 -15.61 7.13 10.70
C ILE A 578 -15.82 8.44 11.44
N LYS A 579 -16.29 9.44 10.71
CA LYS A 579 -16.42 10.79 11.24
C LYS A 579 -17.64 10.92 12.15
N ASN A 580 -17.47 11.58 13.29
CA ASN A 580 -18.60 11.89 14.17
C ASN A 580 -19.45 13.01 13.54
N ASP A 581 -20.73 12.74 13.33
CA ASP A 581 -21.60 13.66 12.59
C ASP A 581 -21.88 14.96 13.35
N GLY A 582 -22.02 14.84 14.66
CA GLY A 582 -22.25 15.99 15.52
C GLY A 582 -23.72 16.17 15.86
N MET A 583 -24.51 15.13 15.64
CA MET A 583 -25.93 15.18 15.94
C MET A 583 -26.29 14.28 17.11
N LYS A 584 -25.29 13.60 17.65
CA LYS A 584 -25.51 12.75 18.80
C LYS A 584 -24.69 13.21 20.00
N LYS A 585 -25.36 13.33 21.13
CA LYS A 585 -24.72 13.76 22.37
C LYS A 585 -23.78 12.68 22.90
N GLU A 586 -24.26 11.44 22.96
CA GLU A 586 -23.47 10.36 23.51
C GLU A 586 -22.34 9.94 22.58
N CYS A 587 -22.28 10.52 21.40
CA CYS A 587 -21.18 10.28 20.47
C CYS A 587 -20.08 11.31 20.67
N HIS A 588 -18.87 10.85 21.00
CA HIS A 588 -17.77 11.75 21.35
C HIS A 588 -16.60 11.64 20.37
N GLY A 589 -15.81 12.71 20.28
CA GLY A 589 -14.60 12.71 19.46
C GLY A 589 -14.83 13.14 18.02
N ALA A 590 -13.75 13.59 17.37
CA ALA A 590 -13.80 13.92 15.95
C ALA A 590 -14.20 12.71 15.08
N GLY A 591 -13.72 11.53 15.42
CA GLY A 591 -14.04 10.34 14.65
C GLY A 591 -13.03 9.23 14.82
N ASN A 592 -13.47 7.99 14.61
CA ASN A 592 -12.63 6.83 14.87
C ASN A 592 -11.78 6.40 13.68
N LEU A 593 -10.47 6.37 13.87
CA LEU A 593 -9.58 5.70 12.92
C LEU A 593 -9.43 4.24 13.36
N LEU A 594 -9.93 3.33 12.54
CA LEU A 594 -9.95 1.92 12.90
C LEU A 594 -9.30 1.03 11.82
N GLU A 595 -8.52 0.05 12.23
CA GLU A 595 -7.96 -0.93 11.29
C GLU A 595 -9.08 -1.59 10.51
N PHE A 596 -8.91 -1.75 9.20
CA PHE A 596 -9.98 -2.31 8.40
C PHE A 596 -9.49 -3.14 7.22
N GLN A 597 -8.81 -4.23 7.51
CA GLN A 597 -8.31 -5.13 6.48
C GLN A 597 -9.08 -6.47 6.53
N GLY A 598 -9.52 -6.92 5.36
CA GLY A 598 -10.28 -8.16 5.26
C GLY A 598 -11.64 -8.11 5.94
N ILE A 599 -12.17 -6.90 6.12
CA ILE A 599 -13.47 -6.73 6.76
C ILE A 599 -14.48 -6.01 5.83
N ARG A 600 -15.70 -6.51 5.78
CA ARG A 600 -16.74 -5.84 4.98
C ARG A 600 -17.33 -4.64 5.71
N SER A 601 -17.54 -3.56 4.97
CA SER A 601 -18.16 -2.38 5.55
C SER A 601 -19.58 -2.70 5.99
N GLU A 602 -20.22 -3.64 5.30
CA GLU A 602 -21.57 -4.04 5.67
C GLU A 602 -21.63 -4.50 7.11
N GLN A 603 -20.54 -5.09 7.60
CA GLN A 603 -20.51 -5.58 8.99
C GLN A 603 -20.19 -4.51 10.03
N LEU A 604 -19.99 -3.28 9.58
CA LEU A 604 -19.75 -2.16 10.49
C LEU A 604 -20.94 -1.93 11.43
N ASN A 605 -22.14 -2.32 11.00
CA ASN A 605 -23.29 -2.22 11.89
C ASN A 605 -23.17 -3.13 13.11
N ARG A 606 -22.17 -3.99 13.09
CA ARG A 606 -21.90 -4.83 14.24
C ARG A 606 -21.46 -3.97 15.42
N LEU A 607 -21.10 -2.73 15.13
CA LEU A 607 -20.69 -1.80 16.19
C LEU A 607 -21.89 -1.21 16.92
N SER A 608 -23.07 -1.36 16.32
CA SER A 608 -24.27 -0.68 16.81
C SER A 608 -24.51 -0.90 18.31
N THR A 609 -24.03 -2.01 18.83
CA THR A 609 -24.25 -2.37 20.24
C THR A 609 -23.07 -1.95 21.13
N ARG A 610 -22.08 -1.28 20.55
CA ARG A 610 -20.89 -0.89 21.28
C ARG A 610 -20.65 0.61 21.18
N ASN A 611 -21.19 1.17 20.10
CA ASN A 611 -20.84 2.50 19.64
C ASN A 611 -22.12 3.30 19.47
N PRO A 612 -22.21 4.45 20.14
CA PRO A 612 -23.42 5.28 20.08
C PRO A 612 -23.46 6.09 18.78
N CYS A 613 -22.33 6.18 18.09
CA CYS A 613 -22.22 6.92 16.85
C CYS A 613 -22.88 6.21 15.67
N ASN A 614 -23.42 6.98 14.73
CA ASN A 614 -23.83 6.44 13.43
C ASN A 614 -22.61 5.97 12.64
N ILE A 615 -22.83 5.10 11.67
CA ILE A 615 -21.72 4.46 10.95
C ILE A 615 -21.76 4.77 9.44
N THR A 616 -22.73 5.59 9.03
CA THR A 616 -22.97 5.91 7.62
C THR A 616 -21.76 6.49 6.87
N SER A 617 -21.03 7.38 7.53
CA SER A 617 -19.95 8.14 6.89
C SER A 617 -18.57 7.48 6.97
N ARG A 618 -18.34 6.48 6.13
CA ARG A 618 -17.08 5.75 6.12
C ARG A 618 -16.07 6.43 5.20
N VAL A 619 -14.80 6.47 5.61
CA VAL A 619 -13.72 7.01 4.77
C VAL A 619 -12.48 6.12 4.85
N TYR A 620 -11.81 5.89 3.72
CA TYR A 620 -10.64 5.02 3.69
C TYR A 620 -9.38 5.76 3.28
N SER A 625 -3.28 12.21 1.75
CA SER A 625 -2.26 12.21 2.79
C SER A 625 -0.98 12.89 2.31
N PRO A 626 -0.39 13.71 3.18
CA PRO A 626 0.82 14.50 2.88
C PRO A 626 2.05 13.62 2.75
N THR A 627 3.18 14.24 2.42
CA THR A 627 4.47 13.54 2.36
C THR A 627 5.47 14.28 3.22
N PHE A 628 6.26 13.53 4.00
CA PHE A 628 7.22 14.15 4.91
C PHE A 628 8.66 13.94 4.46
N ASP A 629 9.55 14.76 5.00
CA ASP A 629 10.98 14.55 4.88
C ASP A 629 11.59 14.62 6.28
N ASN A 630 11.67 15.83 6.80
CA ASN A 630 11.98 16.06 8.21
C ASN A 630 11.14 17.21 8.68
N ASN A 631 10.12 17.52 7.89
CA ASN A 631 9.20 18.61 8.17
C ASN A 631 7.93 18.13 8.86
N GLY A 632 7.65 16.84 8.71
CA GLY A 632 6.42 16.24 9.21
C GLY A 632 5.97 16.67 10.59
N SER A 633 4.66 16.62 10.82
CA SER A 633 4.05 17.10 12.06
C SER A 633 2.90 16.20 12.52
N MET A 634 2.47 16.38 13.76
CA MET A 634 1.25 15.75 14.25
C MET A 634 0.10 16.09 13.32
N MET A 635 -0.71 15.09 12.95
CA MET A 635 -1.82 15.34 12.03
C MET A 635 -3.18 15.37 12.70
N PHE A 636 -3.29 14.69 13.84
CA PHE A 636 -4.59 14.48 14.46
C PHE A 636 -4.43 14.48 15.96
N LEU A 637 -5.10 15.40 16.64
CA LEU A 637 -5.03 15.44 18.11
C LEU A 637 -6.40 15.67 18.72
N ASP A 638 -6.87 14.66 19.44
CA ASP A 638 -8.19 14.70 20.08
C ASP A 638 -8.06 14.29 21.54
N MET A 639 -8.25 15.25 22.43
CA MET A 639 -8.20 14.97 23.87
C MET A 639 -9.49 15.41 24.54
N SER A 640 -10.55 15.46 23.74
CA SER A 640 -11.86 15.87 24.21
C SER A 640 -12.47 14.92 25.26
N TYR A 641 -13.42 15.45 26.02
CA TYR A 641 -14.16 14.67 27.00
C TYR A 641 -13.24 14.04 28.05
N ASN A 642 -12.37 14.87 28.62
CA ASN A 642 -11.59 14.51 29.77
C ASN A 642 -11.80 15.55 30.86
N MET A 643 -10.83 15.67 31.76
CA MET A 643 -10.89 16.69 32.82
C MET A 643 -9.62 17.56 32.83
N LEU A 644 -9.07 17.82 31.66
CA LEU A 644 -7.88 18.66 31.52
C LEU A 644 -8.15 20.10 32.01
N SER A 645 -7.08 20.81 32.35
CA SER A 645 -7.19 22.20 32.77
C SER A 645 -5.93 22.98 32.44
N GLY A 646 -5.84 24.22 32.94
CA GLY A 646 -4.71 25.08 32.64
C GLY A 646 -4.84 25.77 31.29
N TYR A 647 -3.72 26.26 30.78
CA TYR A 647 -3.71 27.04 29.55
C TYR A 647 -3.17 26.25 28.38
N ILE A 648 -3.72 26.48 27.19
CA ILE A 648 -3.17 25.87 25.99
C ILE A 648 -1.76 26.40 25.72
N PRO A 649 -0.76 25.52 25.74
CA PRO A 649 0.60 25.98 25.44
C PRO A 649 0.66 26.49 24.01
N LYS A 650 1.28 27.65 23.81
CA LYS A 650 1.29 28.28 22.48
C LYS A 650 2.02 27.41 21.47
N GLU A 651 2.82 26.49 21.98
CA GLU A 651 3.47 25.49 21.14
C GLU A 651 2.40 24.69 20.39
N ILE A 652 1.17 24.76 20.88
CA ILE A 652 0.04 24.11 20.22
C ILE A 652 -0.02 24.53 18.76
N GLY A 653 0.53 25.69 18.44
CA GLY A 653 0.38 26.23 17.09
C GLY A 653 1.49 25.80 16.14
N SER A 654 2.35 24.89 16.58
CA SER A 654 3.56 24.57 15.82
C SER A 654 3.41 23.40 14.85
N MET A 655 2.17 23.02 14.54
CA MET A 655 1.93 21.82 13.75
C MET A 655 1.23 22.10 12.42
N PRO A 656 2.01 22.41 11.38
CA PRO A 656 1.45 22.80 10.08
C PRO A 656 0.68 21.68 9.40
N TYR A 657 0.82 20.45 9.89
CA TYR A 657 0.07 19.34 9.29
C TYR A 657 -1.18 18.95 10.09
N LEU A 658 -1.32 19.52 11.27
CA LEU A 658 -2.49 19.26 12.09
C LEU A 658 -3.75 19.63 11.32
N PHE A 659 -4.51 18.63 10.91
CA PHE A 659 -5.76 18.93 10.22
C PHE A 659 -6.96 18.82 11.16
N ILE A 660 -6.73 18.26 12.35
CA ILE A 660 -7.79 18.14 13.35
C ILE A 660 -7.29 18.38 14.76
N LEU A 661 -8.02 19.22 15.50
CA LEU A 661 -7.66 19.53 16.87
C LEU A 661 -8.94 19.61 17.68
N ASN A 662 -9.13 18.62 18.54
CA ASN A 662 -10.33 18.58 19.38
C ASN A 662 -9.91 18.59 20.83
N LEU A 663 -10.27 19.65 21.53
CA LEU A 663 -9.98 19.79 22.95
C LEU A 663 -11.27 20.08 23.71
N GLY A 664 -12.39 19.87 23.03
CA GLY A 664 -13.70 20.13 23.61
C GLY A 664 -13.96 19.34 24.88
N HIS A 665 -14.83 19.89 25.72
CA HIS A 665 -15.32 19.20 26.91
C HIS A 665 -14.20 18.86 27.89
N ASN A 666 -13.58 19.92 28.41
CA ASN A 666 -12.62 19.82 29.48
C ASN A 666 -12.85 20.97 30.43
N ASP A 667 -11.77 21.39 31.10
CA ASP A 667 -11.81 22.56 31.97
C ASP A 667 -10.62 23.45 31.65
N ILE A 668 -10.34 23.57 30.35
CA ILE A 668 -9.24 24.39 29.88
C ILE A 668 -9.58 25.89 29.96
N SER A 669 -8.69 26.66 30.56
CA SER A 669 -8.89 28.10 30.72
C SER A 669 -7.78 28.94 30.08
N GLY A 670 -7.69 30.21 30.46
CA GLY A 670 -6.83 31.16 29.78
C GLY A 670 -7.45 31.54 28.45
N SER A 671 -6.68 32.19 27.58
CA SER A 671 -7.19 32.57 26.27
C SER A 671 -6.64 31.68 25.16
N ILE A 672 -7.26 31.75 24.00
CA ILE A 672 -6.81 31.02 22.83
C ILE A 672 -5.51 31.60 22.30
N PRO A 673 -4.45 30.77 22.25
CA PRO A 673 -3.13 31.17 21.74
C PRO A 673 -3.22 31.68 20.32
N ASP A 674 -2.57 32.80 20.04
CA ASP A 674 -2.60 33.38 18.69
C ASP A 674 -1.92 32.45 17.72
N GLU A 675 -1.00 31.63 18.23
CA GLU A 675 -0.28 30.68 17.40
C GLU A 675 -1.22 29.67 16.72
N VAL A 676 -2.45 29.56 17.22
CA VAL A 676 -3.44 28.71 16.57
C VAL A 676 -3.60 29.10 15.11
N GLY A 677 -3.40 30.38 14.80
CA GLY A 677 -3.52 30.88 13.44
C GLY A 677 -2.44 30.37 12.49
N ASP A 678 -1.40 29.76 13.05
CA ASP A 678 -0.32 29.15 12.28
C ASP A 678 -0.69 27.77 11.73
N LEU A 679 -1.72 27.16 12.30
CA LEU A 679 -2.14 25.83 11.89
C LEU A 679 -2.82 25.86 10.52
N ARG A 680 -2.04 26.03 9.46
CA ARG A 680 -2.60 26.22 8.12
C ARG A 680 -3.32 25.01 7.55
N GLY A 681 -3.10 23.84 8.15
CA GLY A 681 -3.70 22.62 7.63
C GLY A 681 -5.05 22.33 8.28
N LEU A 682 -5.42 23.15 9.26
CA LEU A 682 -6.57 22.88 10.12
C LEU A 682 -7.90 22.80 9.37
N ASN A 683 -8.57 21.65 9.48
CA ASN A 683 -9.93 21.50 8.96
C ASN A 683 -10.93 21.61 10.09
N ILE A 684 -10.61 20.99 11.21
CA ILE A 684 -11.53 20.95 12.33
C ILE A 684 -10.89 21.52 13.58
N LEU A 685 -11.64 22.35 14.28
CA LEU A 685 -11.16 22.96 15.51
C LEU A 685 -12.29 22.96 16.52
N ASP A 686 -12.19 22.10 17.52
CA ASP A 686 -13.18 22.06 18.59
C ASP A 686 -12.53 22.45 19.91
N LEU A 687 -13.01 23.53 20.50
CA LEU A 687 -12.54 23.97 21.81
C LEU A 687 -13.75 24.31 22.65
N SER A 688 -14.91 23.79 22.22
CA SER A 688 -16.17 24.03 22.91
C SER A 688 -16.17 23.47 24.33
N SER A 689 -17.15 23.91 25.13
CA SER A 689 -17.34 23.41 26.49
C SER A 689 -16.06 23.42 27.32
N ASN A 690 -15.61 24.63 27.67
CA ASN A 690 -14.42 24.81 28.46
C ASN A 690 -14.54 26.04 29.35
N LYS A 691 -13.40 26.56 29.83
CA LYS A 691 -13.40 27.82 30.60
C LYS A 691 -12.66 28.94 29.86
N LEU A 692 -12.50 28.79 28.55
CA LEU A 692 -11.70 29.73 27.77
C LEU A 692 -12.23 31.17 27.82
N ASP A 693 -11.34 32.14 28.01
CA ASP A 693 -11.74 33.56 27.97
C ASP A 693 -10.88 34.44 27.06
N GLY A 694 -11.15 35.74 27.08
CA GLY A 694 -10.47 36.67 26.21
C GLY A 694 -11.05 36.77 24.81
N ARG A 695 -10.27 37.31 23.88
CA ARG A 695 -10.75 37.49 22.53
C ARG A 695 -10.31 36.36 21.63
N ILE A 696 -11.18 35.95 20.72
CA ILE A 696 -10.75 35.07 19.65
C ILE A 696 -9.67 35.85 18.90
N PRO A 697 -8.44 35.32 18.87
CA PRO A 697 -7.31 35.98 18.22
C PRO A 697 -7.57 36.28 16.75
N GLN A 698 -7.33 37.52 16.34
CA GLN A 698 -7.51 37.94 14.95
C GLN A 698 -6.68 37.05 14.02
N ALA A 699 -5.55 36.57 14.53
CA ALA A 699 -4.66 35.70 13.76
C ALA A 699 -5.38 34.52 13.11
N MET A 700 -6.48 34.10 13.74
CA MET A 700 -7.23 32.95 13.26
C MET A 700 -7.94 33.18 11.93
N SER A 701 -7.91 34.43 11.45
CA SER A 701 -8.46 34.74 10.14
C SER A 701 -7.52 34.23 9.05
N ALA A 702 -6.33 33.80 9.46
CA ALA A 702 -5.36 33.27 8.49
C ALA A 702 -5.72 31.86 8.02
N LEU A 703 -6.47 31.13 8.85
CA LEU A 703 -6.94 29.79 8.52
C LEU A 703 -7.92 29.82 7.36
N THR A 704 -7.65 29.00 6.35
CA THR A 704 -8.48 28.98 5.15
C THR A 704 -9.01 27.59 4.82
N MET A 705 -8.65 26.61 5.64
CA MET A 705 -8.98 25.21 5.38
C MET A 705 -10.11 24.67 6.25
N LEU A 706 -10.58 25.47 7.20
CA LEU A 706 -11.60 25.04 8.16
C LEU A 706 -12.87 24.54 7.49
N THR A 707 -13.37 23.40 7.95
CA THR A 707 -14.65 22.88 7.51
C THR A 707 -15.62 22.82 8.69
N GLU A 708 -15.07 22.83 9.89
CA GLU A 708 -15.86 22.86 11.11
C GLU A 708 -15.09 23.53 12.24
N ILE A 709 -15.80 24.35 13.01
CA ILE A 709 -15.24 25.00 14.18
C ILE A 709 -16.30 24.96 15.29
N ASP A 710 -15.86 24.96 16.53
CA ASP A 710 -16.78 25.10 17.65
C ASP A 710 -16.05 25.73 18.82
N LEU A 711 -16.60 26.82 19.31
CA LEU A 711 -15.99 27.59 20.38
C LEU A 711 -17.08 27.94 21.37
N SER A 712 -18.24 27.31 21.21
CA SER A 712 -19.37 27.56 22.09
C SER A 712 -19.12 27.03 23.50
N ASN A 713 -19.94 27.48 24.44
CA ASN A 713 -19.79 27.10 25.84
C ASN A 713 -18.42 27.40 26.41
N ASN A 714 -17.95 28.62 26.20
CA ASN A 714 -16.76 29.08 26.88
C ASN A 714 -17.06 30.37 27.59
N ASN A 715 -16.02 31.12 27.94
CA ASN A 715 -16.23 32.47 28.44
C ASN A 715 -15.55 33.51 27.55
N LEU A 716 -15.65 33.30 26.25
CA LEU A 716 -15.03 34.21 25.28
C LEU A 716 -15.76 35.54 25.23
N SER A 717 -15.05 36.59 24.85
CA SER A 717 -15.65 37.92 24.72
C SER A 717 -15.04 38.68 23.55
N GLY A 718 -15.64 39.83 23.25
CA GLY A 718 -15.15 40.67 22.18
C GLY A 718 -15.75 40.27 20.84
N PRO A 719 -15.24 40.87 19.76
CA PRO A 719 -15.87 40.63 18.47
C PRO A 719 -15.34 39.36 17.82
N ILE A 720 -16.19 38.72 17.03
CA ILE A 720 -15.75 37.63 16.18
C ILE A 720 -15.03 38.24 14.97
N PRO A 721 -13.78 37.81 14.73
CA PRO A 721 -12.95 38.29 13.62
C PRO A 721 -13.71 38.41 12.30
N GLU A 722 -13.65 39.60 11.73
CA GLU A 722 -14.45 39.94 10.56
C GLU A 722 -13.97 39.22 9.32
N MET A 723 -12.68 38.94 9.23
CA MET A 723 -12.14 38.24 8.07
C MET A 723 -12.14 36.72 8.31
N GLY A 724 -11.36 35.99 7.49
CA GLY A 724 -11.29 34.55 7.62
C GLY A 724 -12.61 33.83 7.32
N GLN A 725 -12.86 32.74 8.03
CA GLN A 725 -13.98 31.87 7.69
C GLN A 725 -15.13 31.94 8.67
N PHE A 726 -14.98 32.75 9.70
CA PHE A 726 -15.97 32.80 10.77
C PHE A 726 -17.41 33.05 10.32
N GLU A 727 -17.58 33.95 9.35
CA GLU A 727 -18.92 34.37 8.94
C GLU A 727 -19.69 33.22 8.31
N THR A 728 -18.95 32.25 7.78
CA THR A 728 -19.55 31.09 7.13
C THR A 728 -20.05 30.05 8.14
N PHE A 729 -19.78 30.25 9.44
CA PHE A 729 -20.24 29.31 10.46
C PHE A 729 -21.46 29.82 11.21
N PRO A 730 -22.38 28.91 11.55
CA PRO A 730 -23.65 29.28 12.16
C PRO A 730 -23.46 29.76 13.58
N PRO A 731 -24.45 30.49 14.09
CA PRO A 731 -24.47 31.04 15.46
C PRO A 731 -24.18 29.97 16.49
N ALA A 732 -24.67 28.75 16.25
CA ALA A 732 -24.50 27.66 17.22
C ALA A 732 -23.03 27.46 17.59
N LYS A 733 -22.12 27.59 16.64
CA LYS A 733 -20.71 27.37 16.91
C LYS A 733 -20.08 28.40 17.85
N PHE A 734 -20.89 29.35 18.34
CA PHE A 734 -20.38 30.46 19.13
C PHE A 734 -21.24 30.76 20.34
N LEU A 735 -22.30 29.96 20.54
CA LEU A 735 -23.26 30.23 21.60
C LEU A 735 -22.67 30.06 23.00
N ASN A 736 -23.38 30.58 24.00
CA ASN A 736 -22.93 30.55 25.39
C ASN A 736 -21.55 31.14 25.60
N ASN A 737 -21.36 32.35 25.06
CA ASN A 737 -20.22 33.20 25.35
C ASN A 737 -20.74 34.62 25.54
N PRO A 738 -21.17 34.94 26.77
CA PRO A 738 -21.70 36.24 27.21
C PRO A 738 -21.19 37.44 26.41
N GLY A 739 -19.92 37.78 26.60
CA GLY A 739 -19.36 38.97 25.98
C GLY A 739 -18.94 38.84 24.53
N LEU A 740 -19.34 37.75 23.87
CA LEU A 740 -19.01 37.57 22.47
C LEU A 740 -20.08 38.20 21.59
N CYS A 741 -19.67 38.80 20.48
CA CYS A 741 -20.60 39.44 19.57
C CYS A 741 -20.01 39.49 18.18
N GLY A 742 -20.75 40.07 17.24
CA GLY A 742 -20.31 40.17 15.85
C GLY A 742 -20.83 39.01 15.03
N TYR A 743 -21.27 39.30 13.81
CA TYR A 743 -21.81 38.27 12.92
C TYR A 743 -20.90 37.03 12.92
N PRO A 744 -21.49 35.82 12.89
CA PRO A 744 -22.92 35.48 12.84
C PRO A 744 -23.73 35.84 14.09
N LEU A 745 -23.05 36.27 15.15
CA LEU A 745 -23.77 36.68 16.35
C LEU A 745 -24.33 38.09 16.16
N PRO A 746 -25.16 38.54 17.10
CA PRO A 746 -25.70 39.90 17.02
C PRO A 746 -24.58 40.94 16.97
N ARG A 747 -24.82 42.03 16.24
CA ARG A 747 -23.84 43.10 16.09
C ARG A 747 -23.29 43.54 17.45
N CYS A 748 -22.00 43.84 17.50
CA CYS A 748 -21.41 44.32 18.75
C CYS A 748 -21.91 45.71 19.08
N ASP A 749 -22.23 45.94 20.34
CA ASP A 749 -22.61 47.28 20.79
C ASP A 749 -21.39 48.08 21.26
N PRO A 750 -20.85 48.92 20.37
CA PRO A 750 -19.65 49.72 20.62
C PRO A 750 -19.81 50.63 21.83
C1 NAG B . 13.75 -3.20 -17.96
C2 NAG B . 13.51 -4.68 -17.62
C3 NAG B . 12.61 -4.85 -16.41
C4 NAG B . 13.08 -3.98 -15.25
C5 NAG B . 13.26 -2.55 -15.72
C6 NAG B . 13.75 -1.62 -14.59
C7 NAG B . 13.49 -6.46 -19.26
C8 NAG B . 12.82 -7.11 -20.42
N2 NAG B . 12.92 -5.37 -18.74
O3 NAG B . 12.60 -6.22 -16.05
O4 NAG B . 12.13 -4.02 -14.20
O5 NAG B . 14.17 -2.51 -16.80
O6 NAG B . 14.92 -2.13 -13.99
O7 NAG B . 14.53 -6.93 -18.81
C1 NAG B . 12.65 -4.62 -13.00
C2 NAG B . 11.59 -4.50 -11.92
C3 NAG B . 12.10 -5.02 -10.60
C4 NAG B . 12.46 -6.49 -10.77
C5 NAG B . 13.32 -6.73 -12.02
C6 NAG B . 13.18 -8.20 -12.43
C7 NAG B . 10.10 -2.67 -12.41
C8 NAG B . 9.06 -3.68 -12.81
N2 NAG B . 11.17 -3.13 -11.76
O3 NAG B . 11.04 -4.83 -9.67
O4 NAG B . 13.17 -7.03 -9.66
O5 NAG B . 13.00 -5.98 -13.19
O6 NAG B . 11.86 -8.43 -12.86
O7 NAG B . 9.95 -1.47 -12.70
C1 NAG B . 12.58 -6.83 -8.36
C2 NAG B . 11.24 -7.56 -8.18
C3 NAG B . 11.42 -9.07 -7.97
C4 NAG B . 12.89 -9.46 -7.83
C5 NAG B . 13.63 -8.48 -6.91
C6 NAG B . 15.12 -8.82 -6.86
C7 NAG B . 9.94 -7.72 -6.10
C8 NAG B . 10.48 -7.51 -4.71
N2 NAG B . 10.49 -6.99 -7.07
O3 NAG B . 10.84 -9.77 -9.04
O4 NAG B . 12.97 -10.77 -7.31
O5 NAG B . 13.47 -7.13 -7.29
O6 NAG B . 15.32 -10.13 -6.36
O7 NAG B . 9.05 -8.54 -6.30
C1 NAG C . -1.89 -9.91 -13.16
C2 NAG C . -0.59 -9.91 -12.35
C3 NAG C . -0.73 -9.09 -11.08
C4 NAG C . -1.19 -7.68 -11.42
C5 NAG C . -2.48 -7.77 -12.22
C6 NAG C . -2.98 -6.39 -12.67
C7 NAG C . 0.87 -11.83 -12.58
C8 NAG C . 1.48 -12.97 -11.82
N2 NAG C . -0.20 -11.26 -12.01
O3 NAG C . 0.47 -9.08 -10.35
O4 NAG C . -1.39 -6.95 -10.22
O5 NAG C . -2.30 -8.57 -13.38
O6 NAG C . -2.04 -5.83 -13.56
O7 NAG C . 1.34 -11.47 -13.67
C1 NAG C . -0.52 -5.80 -10.22
C2 NAG C . -1.33 -4.49 -10.20
C3 NAG C . -2.13 -4.38 -8.90
C4 NAG C . -1.23 -4.66 -7.67
C5 NAG C . -0.20 -5.78 -7.86
C6 NAG C . -0.78 -7.16 -7.53
C7 NAG C . -0.34 -2.24 -9.74
C8 NAG C . 1.00 -1.55 -9.77
N2 NAG C . -0.46 -3.35 -10.48
O3 NAG C . -3.30 -5.17 -8.90
O4 NAG C . -0.55 -3.48 -7.28
O5 NAG C . 0.41 -5.77 -9.14
O6 NAG C . 0.26 -8.11 -7.61
O7 NAG C . -1.25 -1.75 -9.07
C1 NAG D . -17.93 3.57 25.45
C2 NAG D . -19.14 4.23 24.75
C3 NAG D . -20.49 3.74 25.27
C4 NAG D . -20.55 2.23 25.27
C5 NAG D . -19.40 1.77 26.15
C6 NAG D . -19.42 0.26 26.32
C7 NAG D . -18.79 6.43 23.78
C8 NAG D . -18.71 7.93 23.97
N2 NAG D . -19.06 5.68 24.83
O3 NAG D . -21.54 4.25 24.47
O4 NAG D . -21.76 1.78 25.83
O5 NAG D . -18.16 2.19 25.62
O6 NAG D . -19.30 -0.33 25.04
O7 NAG D . -18.61 5.96 22.66
C1 NAG D . -22.59 1.01 24.95
C2 NAG D . -23.69 0.33 25.78
C3 NAG D . -24.75 -0.39 24.95
C4 NAG D . -25.30 0.56 23.89
C5 NAG D . -24.11 1.11 23.10
C6 NAG D . -24.59 2.07 22.02
C7 NAG D . -22.79 -0.19 27.99
C8 NAG D . -23.42 1.10 28.48
N2 NAG D . -23.12 -0.59 26.76
O3 NAG D . -25.74 -0.80 25.85
O4 NAG D . -26.23 0.03 22.96
O5 NAG D . -23.19 1.79 23.94
O6 NAG D . -25.22 3.18 22.60
O7 NAG D . -22.01 -0.83 28.70
C1 NAG D . -27.02 -1.12 23.36
C2 NAG D . -28.24 -0.80 24.23
C3 NAG D . -29.31 -0.09 23.41
C4 NAG D . -28.80 0.19 22.01
C5 NAG D . -28.35 -1.11 21.35
C6 NAG D . -27.68 -0.84 20.01
C7 NAG D . -28.86 -2.26 26.15
C8 NAG D . -27.80 -3.13 26.76
N2 NAG D . -28.77 -2.02 24.83
O3 NAG D . -29.70 1.12 24.03
O4 NAG D . -29.71 0.93 21.20
O5 NAG D . -27.48 -1.84 22.21
O6 NAG D . -27.98 -1.88 19.09
O7 NAG D . -29.77 -1.81 26.85
C1 NAG D . -30.97 0.29 20.84
C2 NAG D . -30.98 -0.09 19.36
C3 NAG D . -32.37 -0.56 18.96
C4 NAG D . -32.90 -1.63 19.91
C5 NAG D . -32.68 -1.25 21.38
C6 NAG D . -33.02 -2.41 22.32
C7 NAG D . -29.59 0.96 17.64
C8 NAG D . -29.76 0.00 16.48
N2 NAG D . -30.59 1.03 18.52
O3 NAG D . -32.34 -1.08 17.65
O4 NAG D . -34.27 -1.84 19.67
O5 NAG D . -31.35 -0.84 21.62
O6 NAG D . -34.40 -2.72 22.25
O7 NAG D . -28.57 1.64 17.72
C1 NAG E . -5.61 13.59 38.41
C2 NAG E . -5.58 14.71 39.46
C3 NAG E . -5.98 14.23 40.86
C4 NAG E . -5.32 12.91 41.27
C5 NAG E . -5.24 11.94 40.09
C6 NAG E . -5.63 10.51 40.52
C7 NAG E . -4.14 16.61 39.21
C8 NAG E . -2.83 17.03 38.60
N2 NAG E . -4.26 15.32 39.49
O3 NAG E . -7.39 14.09 40.94
O4 NAG E . -4.03 13.14 41.81
O5 NAG E . -6.05 12.37 39.01
O6 NAG E . -6.97 10.44 40.96
O7 NAG E . -5.04 17.41 39.42
C1 NAG E . -3.96 14.41 42.51
C2 NAG E . -4.33 14.28 44.00
C3 NAG E . -4.35 15.66 44.67
C4 NAG E . -3.77 16.74 43.78
C5 NAG E . -2.53 16.28 43.01
C6 NAG E . -1.30 16.22 43.91
C7 NAG E . -5.69 12.34 44.62
C8 NAG E . -6.11 12.12 46.04
N2 NAG E . -5.61 13.60 44.20
O3 NAG E . -3.61 15.61 45.87
O4 NAG E . -4.74 17.23 42.90
O5 NAG E . -2.69 15.03 42.37
O6 NAG E . -0.91 17.52 44.30
O7 NAG E . -5.45 11.38 43.89
C1 NAG F . -8.10 6.33 -23.71
C2 NAG F . -7.91 7.83 -23.51
C3 NAG F . -9.25 8.57 -23.44
C4 NAG F . -10.16 8.08 -24.58
C5 NAG F . -10.36 6.58 -24.50
C6 NAG F . -10.20 5.93 -25.87
C7 NAG F . -5.88 8.62 -22.50
C8 NAG F . -5.34 9.41 -21.33
N2 NAG F . -7.08 8.08 -22.35
O3 NAG F . -9.05 9.96 -23.54
O4 NAG F . -11.40 8.77 -24.55
O5 NAG F . -9.47 5.99 -23.56
O6 NAG F . -9.12 6.50 -26.58
O7 NAG F . -5.21 8.51 -23.53
C1 NAG F . -11.40 9.80 -25.57
C2 NAG F . -12.37 9.51 -26.71
C3 NAG F . -12.08 10.49 -27.84
C4 NAG F . -12.25 11.90 -27.29
C5 NAG F . -11.39 12.12 -26.04
C6 NAG F . -11.64 13.49 -25.43
C7 NAG F . -13.49 7.53 -27.56
C8 NAG F . -13.38 6.51 -28.66
N2 NAG F . -12.36 8.15 -27.20
O3 NAG F . -12.92 10.26 -28.94
O4 NAG F . -11.89 12.85 -28.27
O5 NAG F . -11.65 11.10 -25.08
O6 NAG F . -10.48 13.96 -24.78
O7 NAG F . -14.58 7.76 -27.03
C1 NAG G . 19.58 17.51 -18.21
C2 NAG G . 18.89 18.79 -18.68
C3 NAG G . 19.77 20.02 -18.43
C4 NAG G . 20.17 20.06 -16.95
C5 NAG G . 20.80 18.73 -16.55
C6 NAG G . 21.12 18.73 -15.05
C7 NAG G . 17.22 18.54 -20.42
C8 NAG G . 16.97 18.13 -21.85
N2 NAG G . 18.49 18.71 -20.08
O3 NAG G . 19.09 21.20 -18.77
O4 NAG G . 21.08 21.12 -16.72
O5 NAG G . 19.96 17.62 -16.85
O6 NAG G . 20.13 19.45 -14.36
O7 NAG G . 16.28 18.70 -19.64
C1 NAG H . -24.64 -16.13 -2.49
C2 NAG H . -25.93 -15.38 -2.82
C3 NAG H . -27.07 -15.75 -1.86
C4 NAG H . -27.19 -17.25 -1.74
C5 NAG H . -25.84 -17.81 -1.27
C6 NAG H . -25.89 -19.31 -1.01
C7 NAG H . -25.67 -13.22 -3.88
C8 NAG H . -25.23 -11.79 -3.73
N2 NAG H . -25.68 -13.95 -2.77
O3 NAG H . -28.29 -15.20 -2.32
O4 NAG H . -28.22 -17.60 -0.83
O5 NAG H . -24.85 -17.51 -2.23
O6 NAG H . -26.21 -19.98 -2.21
O7 NAG H . -25.98 -13.67 -4.99
C1 NAG I . 12.81 -5.11 28.63
C2 NAG I . 13.76 -6.31 28.71
C3 NAG I . 15.05 -6.06 29.51
C4 NAG I . 14.89 -5.05 30.66
C5 NAG I . 13.95 -3.91 30.28
C6 NAG I . 14.53 -3.04 29.17
C7 NAG I . 12.79 -8.48 28.36
C8 NAG I . 11.53 -9.24 28.60
N2 NAG I . 13.06 -7.48 29.20
O3 NAG I . 16.10 -5.65 28.65
O4 NAG I . 14.43 -5.72 31.82
O5 NAG I . 12.71 -4.46 29.88
O6 NAG I . 15.69 -2.35 29.61
O7 NAG I . 13.55 -8.79 27.43
#